data_3RI7
#
_entry.id   3RI7
#
_cell.length_a   100.798
_cell.length_b   116.170
_cell.length_c   182.818
_cell.angle_alpha   90.000
_cell.angle_beta   90.000
_cell.angle_gamma   90.000
#
_symmetry.space_group_name_H-M   'C 2 2 21'
#
loop_
_entity.id
_entity.type
_entity.pdbx_description
1 polymer 'Toluene-4-monooxygenase system protein A'
2 polymer 'Toluene-4-monooxygenase system protein E'
3 polymer 'Toluene-4-monooxygenase system protein B'
4 polymer 'Toluene-4-monooxygenase system protein D'
5 non-polymer 'FE (III) ION'
6 non-polymer 'ACETATE ION'
7 water water
#
loop_
_entity_poly.entity_id
_entity_poly.type
_entity_poly.pdbx_seq_one_letter_code
_entity_poly.pdbx_strand_id
1 'polypeptide(L)'
;AMHPRKDWYELTRATNWTPSYVTEEQLFPERMSGHMGIPLEKWESYDEPYKTSYPEYVSIQREKDAGAYSVKAALERAKI
YENSDPGWISTLKSHYGAIAVLEYAAVTGEGRMARFSKAPGNRNMATFGMMDELRHGQLQLFFPHEYCKKDRQFDWAWRA
YHSNEWAAIAAKHFFDDIITGRDAISVAIMLTFSFETGFTNMQFLGLAADAAEAGDYTFANLISSIQTDESRHAQQGGPA
LQLLIENGKREEAQKKVDMAIWRAWRLFAVLTGPVMDYYTPLEDRSQSFKEFMYEWIIGQFERSLIDLGLDKPWYWDLFL
KDIDELHHSYHMGVWYWRTTAWWNPAAGVTPEERDWLEEKYPGWNKRWGRCWDVITENVLNDRMDLVSPETLPSVCNMSQ
IPLVGVPGDDWNIEVFSLEHNGRLYHFGSEVDRWVFQQDPVQYQNHMNIVDRFLAGQIQPMTLEGALKYMGFQSIEEMGK
DAHDFAWADKCK
;
A
2 'polypeptide(L)'
;SFESKKPMRTWSHLAEMRKKPSEYDIVSRKLHYSTNNPDSPWELSPDSPMNLWYKQYRNASPLKHDNWDAFTDPDQLVYR
TYNLMQDGQESYVQSLFDQFNEREHDQMVREGWEHTMARCYSPLRYLFHCLQMSSAYVQQMAPASTISNCCILQTADSLR
WLTHTAYRTHELSLTYPDAGLGEHERELWEKEPGWQGLRELMEKQLTAFDWGEAFVSLNLVVKPMIVESIFKPLQQQAWE
NNDTLLPLLIDSQLKDAERHSRWSKALVKHALENPDNHAVIEGWIEKWRPLADRAAEAYLSMLSS
;
B
3 'polypeptide(L)'
;SAFPVHAAFEKDFLVQLVVVDLNDSMDQVAEKVAYHCVNRRVAPREGVMRVRKHRSTELFPRDMTIAESGLNPTEVIDVV
FEE
;
C
4 'polypeptide(L)'
;TLADQALHNNNVGPIIRAGDLVEPVIETAEIDNPGKEITVEDRRAYVRIAAEGELILTRKTLEEQLGRPFNMQELEINLA
SFAGQIQADEDQIRFYFDKTM
;
E
#
loop_
_chem_comp.id
_chem_comp.type
_chem_comp.name
_chem_comp.formula
ACT non-polymer 'ACETATE ION' 'C2 H3 O2 -1'
FE non-polymer 'FE (III) ION' 'Fe 3'
#
# COMPACT_ATOMS: atom_id res chain seq x y z
N ALA A 1 26.67 -27.77 12.15
CA ALA A 1 25.66 -27.93 11.08
C ALA A 1 24.47 -27.04 11.40
N MET A 2 23.64 -26.76 10.39
CA MET A 2 22.43 -25.99 10.59
C MET A 2 21.24 -26.94 10.39
N HIS A 3 20.12 -26.65 11.03
CA HIS A 3 18.90 -27.41 10.77
C HIS A 3 17.97 -26.69 9.80
N PRO A 4 17.34 -27.46 8.89
CA PRO A 4 16.46 -26.93 7.86
C PRO A 4 15.23 -26.20 8.43
N ARG A 5 14.86 -25.11 7.77
CA ARG A 5 13.72 -24.30 8.18
C ARG A 5 12.45 -25.13 8.44
N LYS A 6 12.18 -26.13 7.62
CA LYS A 6 10.98 -26.95 7.81
C LYS A 6 10.89 -27.57 9.21
N ASP A 7 12.05 -27.78 9.83
CA ASP A 7 12.11 -28.46 11.12
C ASP A 7 11.86 -27.54 12.30
N TRP A 8 12.04 -26.25 12.11
CA TRP A 8 11.82 -25.33 13.23
C TRP A 8 10.79 -24.24 12.90
N TYR A 9 10.32 -24.19 11.67
CA TYR A 9 9.38 -23.12 11.29
C TYR A 9 8.15 -23.04 12.20
N GLU A 10 7.60 -24.19 12.58
CA GLU A 10 6.37 -24.19 13.38
C GLU A 10 6.49 -23.41 14.68
N LEU A 11 7.64 -23.49 15.33
CA LEU A 11 7.83 -22.78 16.57
C LEU A 11 7.86 -21.26 16.41
N THR A 12 8.18 -20.78 15.20
CA THR A 12 8.22 -19.34 14.98
C THR A 12 6.82 -18.73 15.02
N ARG A 13 5.83 -19.53 14.65
CA ARG A 13 4.43 -19.06 14.66
C ARG A 13 3.59 -19.75 15.74
N ALA A 14 4.23 -20.43 16.68
CA ALA A 14 3.50 -21.00 17.82
C ALA A 14 3.40 -19.91 18.86
N THR A 15 2.59 -18.90 18.59
CA THR A 15 2.57 -17.71 19.44
C THR A 15 1.18 -17.32 19.94
N ASN A 16 0.16 -18.08 19.55
CA ASN A 16 -1.16 -17.88 20.13
C ASN A 16 -1.23 -18.45 21.55
N TRP A 17 -1.86 -17.70 22.45
CA TRP A 17 -2.15 -18.22 23.79
C TRP A 17 -3.56 -17.78 24.23
N THR A 18 -4.00 -18.33 25.36
CA THR A 18 -5.32 -18.04 25.90
C THR A 18 -5.22 -16.93 26.93
N PRO A 19 -5.72 -15.73 26.59
CA PRO A 19 -5.65 -14.59 27.50
C PRO A 19 -6.43 -14.85 28.77
N SER A 20 -5.91 -14.38 29.91
CA SER A 20 -6.53 -14.62 31.19
C SER A 20 -6.73 -13.34 31.97
N TYR A 21 -5.80 -12.40 31.81
CA TYR A 21 -5.80 -11.19 32.61
C TYR A 21 -6.55 -10.06 31.91
N VAL A 22 -6.80 -10.24 30.62
CA VAL A 22 -7.76 -9.47 29.87
C VAL A 22 -8.50 -10.50 29.05
N THR A 23 -9.67 -10.15 28.53
CA THR A 23 -10.40 -11.08 27.68
C THR A 23 -9.81 -11.12 26.28
N GLU A 24 -10.15 -12.18 25.54
CA GLU A 24 -9.73 -12.32 24.17
C GLU A 24 -10.19 -11.13 23.32
N GLU A 25 -11.43 -10.69 23.56
CA GLU A 25 -12.01 -9.60 22.80
C GLU A 25 -11.34 -8.26 23.14
N GLN A 26 -10.86 -8.12 24.36
CA GLN A 26 -10.08 -6.96 24.74
C GLN A 26 -8.71 -6.94 24.08
N LEU A 27 -8.10 -8.11 23.94
CA LEU A 27 -6.79 -8.22 23.31
C LEU A 27 -6.90 -8.06 21.80
N PHE A 28 -7.95 -8.62 21.23
CA PHE A 28 -8.23 -8.54 19.80
C PHE A 28 -9.59 -7.91 19.53
N PRO A 29 -9.74 -6.61 19.82
CA PRO A 29 -11.03 -5.95 19.60
C PRO A 29 -11.45 -6.01 18.13
N GLU A 30 -12.71 -6.37 17.90
CA GLU A 30 -13.27 -6.53 16.55
C GLU A 30 -13.04 -5.32 15.62
N ARG A 31 -13.13 -4.10 16.14
CA ARG A 31 -12.96 -2.92 15.29
C ARG A 31 -11.53 -2.81 14.70
N MET A 32 -10.55 -3.38 15.39
CA MET A 32 -9.16 -3.33 14.93
C MET A 32 -8.70 -4.67 14.35
N SER A 33 -9.38 -5.75 14.75
CA SER A 33 -8.97 -7.09 14.39
C SER A 33 -9.81 -7.70 13.26
N GLY A 34 -11.12 -7.51 13.31
CA GLY A 34 -12.02 -7.96 12.24
C GLY A 34 -12.16 -9.47 12.15
N HIS A 35 -11.99 -10.15 13.28
CA HIS A 35 -12.05 -11.61 13.34
C HIS A 35 -13.45 -12.17 13.10
N MET A 36 -14.45 -11.29 13.05
CA MET A 36 -15.84 -11.68 12.76
C MET A 36 -16.42 -12.72 13.72
N GLY A 37 -15.94 -12.74 14.96
CA GLY A 37 -16.42 -13.70 15.95
C GLY A 37 -15.75 -15.07 15.90
N ILE A 38 -14.83 -15.27 14.97
CA ILE A 38 -14.12 -16.55 14.86
C ILE A 38 -13.11 -16.69 16.00
N PRO A 39 -13.21 -17.77 16.79
CA PRO A 39 -12.35 -17.88 17.98
C PRO A 39 -10.87 -18.12 17.64
N LEU A 40 -10.00 -17.75 18.59
CA LEU A 40 -8.54 -17.92 18.43
C LEU A 40 -8.14 -19.26 17.83
N GLU A 41 -8.57 -20.35 18.45
CA GLU A 41 -8.13 -21.69 18.04
C GLU A 41 -8.33 -21.91 16.53
N LYS A 42 -9.38 -21.34 15.96
CA LYS A 42 -9.66 -21.52 14.54
C LYS A 42 -8.63 -20.82 13.64
N TRP A 43 -8.02 -19.76 14.14
CA TRP A 43 -7.05 -19.00 13.34
C TRP A 43 -5.69 -19.69 13.31
N GLU A 44 -5.46 -20.64 14.20
CA GLU A 44 -4.16 -21.32 14.25
C GLU A 44 -3.90 -22.20 13.04
N SER A 45 -4.90 -22.38 12.19
CA SER A 45 -4.72 -23.18 10.98
C SER A 45 -4.33 -22.33 9.75
N TYR A 46 -4.30 -21.01 9.92
CA TYR A 46 -3.79 -20.12 8.89
C TYR A 46 -2.36 -20.55 8.52
N ASP A 47 -2.14 -20.85 7.25
CA ASP A 47 -0.82 -21.27 6.81
C ASP A 47 -0.31 -20.43 5.64
N GLU A 48 0.55 -19.46 5.93
CA GLU A 48 1.09 -18.60 4.88
C GLU A 48 1.89 -19.42 3.87
N PRO A 49 1.53 -19.31 2.57
CA PRO A 49 2.18 -20.14 1.57
C PRO A 49 3.55 -19.64 1.06
N TYR A 50 3.84 -18.35 1.28
CA TYR A 50 5.13 -17.78 0.88
C TYR A 50 5.88 -17.37 2.14
N LYS A 51 6.60 -18.33 2.70
CA LYS A 51 7.27 -18.14 3.98
C LYS A 51 8.65 -17.50 3.82
N THR A 52 9.09 -16.82 4.87
CA THR A 52 10.49 -16.46 5.02
C THR A 52 10.81 -16.45 6.52
N SER A 53 12.07 -16.27 6.86
CA SER A 53 12.48 -16.20 8.25
C SER A 53 13.50 -15.08 8.38
N TYR A 54 13.73 -14.64 9.60
CA TYR A 54 14.50 -13.43 9.83
C TYR A 54 15.90 -13.45 9.20
N PRO A 55 16.69 -14.50 9.44
CA PRO A 55 18.06 -14.53 8.87
C PRO A 55 18.07 -14.46 7.33
N GLU A 56 17.18 -15.21 6.69
CA GLU A 56 17.06 -15.16 5.23
C GLU A 56 16.60 -13.79 4.74
N TYR A 57 15.67 -13.21 5.47
CA TYR A 57 15.06 -11.95 5.05
C TYR A 57 16.13 -10.85 4.98
N VAL A 58 16.88 -10.63 6.05
CA VAL A 58 17.87 -9.55 6.02
C VAL A 58 18.96 -9.79 4.97
N SER A 59 19.36 -11.06 4.84
CA SER A 59 20.38 -11.46 3.87
C SER A 59 19.93 -11.14 2.44
N ILE A 60 18.73 -11.59 2.09
CA ILE A 60 18.20 -11.45 0.75
C ILE A 60 17.78 -10.00 0.43
N GLN A 61 17.20 -9.31 1.39
CA GLN A 61 16.79 -7.93 1.16
C GLN A 61 18.02 -7.03 1.05
N ARG A 62 19.12 -7.41 1.68
CA ARG A 62 20.37 -6.68 1.51
C ARG A 62 20.84 -6.77 0.05
N GLU A 63 20.71 -7.97 -0.52
CA GLU A 63 21.09 -8.19 -1.91
C GLU A 63 20.19 -7.45 -2.91
N LYS A 64 18.87 -7.44 -2.66
CA LYS A 64 17.93 -6.72 -3.51
C LYS A 64 18.28 -5.22 -3.63
N ASP A 65 18.54 -4.59 -2.50
CA ASP A 65 18.87 -3.17 -2.46
C ASP A 65 20.26 -2.88 -3.03
N ALA A 66 21.22 -3.77 -2.78
CA ALA A 66 22.54 -3.57 -3.33
C ALA A 66 22.44 -3.38 -4.84
N GLY A 67 21.66 -4.22 -5.49
CA GLY A 67 21.47 -4.12 -6.93
C GLY A 67 20.65 -2.91 -7.37
N ALA A 68 19.55 -2.64 -6.70
CA ALA A 68 18.74 -1.46 -7.04
C ALA A 68 19.57 -0.18 -7.03
N TYR A 69 20.36 0.02 -5.98
CA TYR A 69 21.18 1.22 -5.84
C TYR A 69 22.37 1.21 -6.81
N SER A 70 22.98 0.05 -7.03
CA SER A 70 24.12 -0.07 -7.95
C SER A 70 23.76 0.36 -9.39
N VAL A 71 22.59 -0.08 -9.84
CA VAL A 71 22.12 0.22 -11.18
C VAL A 71 21.81 1.72 -11.30
N LYS A 72 21.12 2.26 -10.30
CA LYS A 72 20.89 3.70 -10.25
C LYS A 72 22.21 4.46 -10.36
N ALA A 73 23.20 4.05 -9.58
CA ALA A 73 24.48 4.77 -9.54
C ALA A 73 25.17 4.68 -10.89
N ALA A 74 25.18 3.50 -11.51
CA ALA A 74 25.88 3.32 -12.77
C ALA A 74 25.26 4.06 -13.95
N LEU A 75 23.99 4.44 -13.80
CA LEU A 75 23.24 5.04 -14.90
C LEU A 75 22.93 6.52 -14.68
N GLU A 76 23.53 7.11 -13.66
CA GLU A 76 23.29 8.51 -13.34
C GLU A 76 23.51 9.40 -14.56
N ARG A 77 24.51 9.08 -15.37
CA ARG A 77 24.87 9.95 -16.50
C ARG A 77 24.21 9.53 -17.81
N ALA A 78 23.17 8.71 -17.73
CA ALA A 78 22.51 8.22 -18.94
C ALA A 78 21.66 9.28 -19.65
N LYS A 79 21.46 10.44 -19.02
CA LYS A 79 20.68 11.52 -19.66
C LYS A 79 19.17 11.20 -19.76
N ILE A 80 18.68 10.34 -18.87
CA ILE A 80 17.26 9.99 -18.89
C ILE A 80 16.39 11.25 -18.82
N TYR A 81 16.66 12.09 -17.83
CA TYR A 81 15.89 13.32 -17.66
C TYR A 81 15.91 14.24 -18.89
N GLU A 82 17.08 14.42 -19.50
CA GLU A 82 17.22 15.32 -20.65
C GLU A 82 16.78 14.69 -21.97
N ASN A 83 17.05 13.40 -22.14
CA ASN A 83 16.80 12.77 -23.43
C ASN A 83 15.47 12.07 -23.60
N SER A 84 14.78 11.82 -22.50
CA SER A 84 13.49 11.15 -22.56
C SER A 84 12.41 12.03 -23.16
N ASP A 85 11.43 11.40 -23.78
CA ASP A 85 10.23 12.09 -24.21
C ASP A 85 9.56 12.66 -22.96
N PRO A 86 9.08 13.90 -23.05
CA PRO A 86 8.44 14.59 -21.91
C PRO A 86 7.30 13.77 -21.27
N GLY A 87 6.62 12.97 -22.07
CA GLY A 87 5.53 12.13 -21.57
C GLY A 87 6.04 11.04 -20.65
N TRP A 88 7.25 10.55 -20.94
CA TRP A 88 7.88 9.59 -20.04
C TRP A 88 8.24 10.27 -18.71
N ILE A 89 8.80 11.47 -18.78
CA ILE A 89 9.14 12.21 -17.58
C ILE A 89 7.90 12.43 -16.69
N SER A 90 6.76 12.75 -17.31
CA SER A 90 5.49 12.92 -16.60
C SER A 90 5.05 11.61 -15.95
N THR A 91 5.26 10.49 -16.64
CA THR A 91 4.99 9.19 -16.08
C THR A 91 5.77 8.99 -14.77
N LEU A 92 7.05 9.38 -14.77
CA LEU A 92 7.86 9.29 -13.55
C LEU A 92 7.30 10.21 -12.47
N LYS A 93 6.97 11.45 -12.85
CA LYS A 93 6.48 12.42 -11.87
C LYS A 93 5.18 11.93 -11.23
N SER A 94 4.28 11.42 -12.05
N SER A 94 4.26 11.44 -12.06
CA SER A 94 2.99 10.96 -11.55
CA SER A 94 2.99 10.94 -11.57
C SER A 94 3.16 9.70 -10.69
C SER A 94 3.23 9.75 -10.66
N HIS A 95 3.98 8.77 -11.16
CA HIS A 95 4.24 7.55 -10.40
C HIS A 95 4.79 7.85 -9.00
N TYR A 96 5.90 8.59 -8.93
CA TYR A 96 6.53 8.86 -7.63
C TYR A 96 5.60 9.64 -6.68
N GLY A 97 4.88 10.61 -7.21
CA GLY A 97 3.97 11.41 -6.41
C GLY A 97 2.81 10.59 -5.86
N ALA A 98 2.26 9.71 -6.71
CA ALA A 98 1.12 8.87 -6.33
C ALA A 98 1.52 7.69 -5.43
N ILE A 99 2.81 7.34 -5.42
CA ILE A 99 3.22 6.09 -4.81
C ILE A 99 4.14 6.17 -3.59
N ALA A 100 5.11 7.09 -3.58
CA ALA A 100 6.16 7.04 -2.53
C ALA A 100 5.66 7.05 -1.09
N VAL A 101 4.83 8.03 -0.75
CA VAL A 101 4.40 8.21 0.62
C VAL A 101 3.26 7.24 0.92
N LEU A 102 2.58 6.79 -0.13
CA LEU A 102 1.58 5.75 -0.01
CA LEU A 102 1.58 5.74 -0.01
C LEU A 102 2.21 4.41 0.42
N GLU A 103 3.36 4.07 -0.16
CA GLU A 103 4.10 2.87 0.29
C GLU A 103 4.32 2.99 1.80
N TYR A 104 4.74 4.16 2.24
CA TYR A 104 4.96 4.35 3.66
C TYR A 104 3.67 4.14 4.46
N ALA A 105 2.55 4.63 3.94
CA ALA A 105 1.25 4.36 4.60
C ALA A 105 0.94 2.86 4.68
N ALA A 106 1.33 2.10 3.66
CA ALA A 106 1.07 0.65 3.63
C ALA A 106 1.75 -0.08 4.80
N VAL A 107 2.80 0.53 5.36
CA VAL A 107 3.43 0.01 6.57
C VAL A 107 2.41 -0.13 7.73
N THR A 108 1.47 0.81 7.80
CA THR A 108 0.46 0.83 8.86
C THR A 108 -0.59 -0.25 8.61
N GLY A 109 -0.88 -0.54 7.34
CA GLY A 109 -1.76 -1.65 7.02
C GLY A 109 -1.17 -2.94 7.53
N GLU A 110 0.12 -3.13 7.29
CA GLU A 110 0.84 -4.34 7.71
C GLU A 110 0.99 -4.38 9.23
N GLY A 111 1.26 -3.22 9.84
CA GLY A 111 1.31 -3.11 11.30
C GLY A 111 -0.01 -3.45 11.98
N ARG A 112 -1.13 -3.10 11.34
CA ARG A 112 -2.48 -3.41 11.87
C ARG A 112 -2.65 -4.92 11.97
N MET A 113 -2.17 -5.63 10.96
CA MET A 113 -2.18 -7.10 10.99
C MET A 113 -1.17 -7.64 12.01
N ALA A 114 0.05 -7.10 12.02
CA ALA A 114 1.08 -7.58 12.92
C ALA A 114 0.64 -7.54 14.39
N ARG A 115 -0.16 -6.54 14.74
CA ARG A 115 -0.67 -6.41 16.11
C ARG A 115 -2.03 -7.12 16.29
N PHE A 116 -2.96 -6.90 15.38
CA PHE A 116 -4.35 -7.29 15.65
C PHE A 116 -4.86 -8.54 14.94
N SER A 117 -4.05 -9.15 14.09
CA SER A 117 -4.48 -10.43 13.47
C SER A 117 -4.45 -11.57 14.49
N LYS A 118 -5.52 -12.37 14.52
CA LYS A 118 -5.56 -13.53 15.41
C LYS A 118 -4.74 -14.71 14.86
N ALA A 119 -4.32 -14.64 13.61
CA ALA A 119 -3.47 -15.68 13.03
C ALA A 119 -1.98 -15.42 13.29
N PRO A 120 -1.32 -16.34 14.01
CA PRO A 120 0.10 -16.21 14.33
C PRO A 120 0.96 -16.03 13.09
N GLY A 121 0.72 -16.81 12.04
CA GLY A 121 1.49 -16.74 10.79
C GLY A 121 1.30 -15.42 10.08
N ASN A 122 0.08 -14.89 10.14
CA ASN A 122 -0.24 -13.58 9.58
C ASN A 122 0.59 -12.50 10.27
N ARG A 123 0.63 -12.53 11.61
CA ARG A 123 1.36 -11.52 12.38
C ARG A 123 2.86 -11.48 12.07
N ASN A 124 3.45 -12.64 11.78
CA ASN A 124 4.87 -12.68 11.42
C ASN A 124 5.09 -12.21 9.97
N MET A 125 4.28 -12.71 9.05
CA MET A 125 4.43 -12.32 7.66
C MET A 125 4.17 -10.81 7.53
N ALA A 126 3.27 -10.26 8.36
CA ALA A 126 2.98 -8.82 8.33
C ALA A 126 4.16 -8.02 8.89
N THR A 127 4.97 -8.66 9.71
CA THR A 127 6.14 -8.00 10.25
C THR A 127 7.15 -7.80 9.12
N PHE A 128 7.34 -8.84 8.31
CA PHE A 128 8.15 -8.71 7.10
C PHE A 128 7.49 -7.76 6.11
N GLY A 129 6.15 -7.78 6.05
CA GLY A 129 5.39 -6.83 5.24
C GLY A 129 5.59 -5.37 5.64
N MET A 130 5.62 -5.10 6.95
CA MET A 130 5.96 -3.78 7.45
C MET A 130 7.31 -3.32 6.88
N MET A 131 8.30 -4.20 6.95
CA MET A 131 9.64 -3.92 6.49
C MET A 131 9.70 -3.69 4.99
N ASP A 132 9.06 -4.56 4.23
CA ASP A 132 8.98 -4.39 2.78
C ASP A 132 8.45 -3.01 2.41
N GLU A 133 7.37 -2.58 3.04
CA GLU A 133 6.75 -1.31 2.65
C GLU A 133 7.63 -0.13 3.08
N LEU A 134 8.36 -0.31 4.18
CA LEU A 134 9.33 0.69 4.57
C LEU A 134 10.37 0.80 3.46
N ARG A 135 10.80 -0.35 2.96
CA ARG A 135 11.77 -0.36 1.87
C ARG A 135 11.22 0.40 0.66
N HIS A 136 9.97 0.10 0.31
CA HIS A 136 9.40 0.68 -0.90
C HIS A 136 9.26 2.19 -0.79
N GLY A 137 8.84 2.67 0.37
CA GLY A 137 8.66 4.11 0.57
C GLY A 137 10.00 4.84 0.53
N GLN A 138 11.00 4.24 1.18
CA GLN A 138 12.34 4.83 1.18
C GLN A 138 13.01 4.83 -0.20
N LEU A 139 12.87 3.73 -0.94
CA LEU A 139 13.41 3.68 -2.30
C LEU A 139 12.81 4.79 -3.18
N GLN A 140 11.50 4.96 -3.08
CA GLN A 140 10.78 5.79 -4.02
C GLN A 140 10.73 7.26 -3.59
N LEU A 141 11.34 7.56 -2.44
CA LEU A 141 11.70 8.94 -2.07
C LEU A 141 13.15 9.16 -2.50
N PHE A 142 14.01 8.18 -2.23
CA PHE A 142 15.42 8.34 -2.54
C PHE A 142 15.63 8.50 -4.04
N PHE A 143 14.92 7.69 -4.84
CA PHE A 143 15.18 7.69 -6.28
C PHE A 143 14.84 9.00 -7.00
N PRO A 144 13.64 9.57 -6.78
CA PRO A 144 13.31 10.85 -7.41
C PRO A 144 14.03 12.08 -6.82
N HIS A 145 14.59 11.94 -5.62
CA HIS A 145 15.20 13.06 -4.92
C HIS A 145 16.18 13.85 -5.77
N GLU A 146 17.08 13.16 -6.47
CA GLU A 146 18.08 13.85 -7.24
C GLU A 146 17.49 14.76 -8.30
N TYR A 147 16.22 14.54 -8.63
CA TYR A 147 15.58 15.36 -9.66
C TYR A 147 14.92 16.62 -9.13
N CYS A 148 14.84 16.75 -7.81
CA CYS A 148 14.32 17.97 -7.19
C CYS A 148 15.00 19.21 -7.78
N LYS A 149 16.31 19.14 -7.93
CA LYS A 149 17.11 20.28 -8.41
C LYS A 149 16.77 20.63 -9.85
N LYS A 150 16.16 19.69 -10.56
CA LYS A 150 15.83 19.88 -11.96
C LYS A 150 14.42 20.41 -12.21
N ASP A 151 13.49 20.05 -11.32
CA ASP A 151 12.08 20.32 -11.58
C ASP A 151 11.30 20.25 -10.27
N ARG A 152 10.58 21.32 -9.94
CA ARG A 152 9.82 21.38 -8.67
C ARG A 152 8.70 20.34 -8.63
N GLN A 153 8.26 19.88 -9.79
CA GLN A 153 7.19 18.86 -9.82
C GLN A 153 7.62 17.56 -9.14
N PHE A 154 8.93 17.32 -9.08
CA PHE A 154 9.45 16.15 -8.39
C PHE A 154 9.38 16.34 -6.88
N ASP A 155 9.11 17.57 -6.43
CA ASP A 155 8.91 17.78 -5.00
C ASP A 155 7.66 17.02 -4.57
N TRP A 156 6.79 16.73 -5.53
CA TRP A 156 5.52 16.10 -5.20
C TRP A 156 5.68 14.63 -4.83
N ALA A 157 6.86 14.09 -5.08
CA ALA A 157 7.18 12.74 -4.64
C ALA A 157 7.01 12.68 -3.12
N TRP A 158 7.37 13.77 -2.46
CA TRP A 158 7.15 13.89 -1.03
C TRP A 158 5.81 14.59 -0.72
N ARG A 159 5.49 15.64 -1.47
CA ARG A 159 4.39 16.52 -1.09
C ARG A 159 2.97 16.02 -1.38
N ALA A 160 2.80 15.22 -2.43
CA ALA A 160 1.46 14.86 -2.90
C ALA A 160 0.50 14.50 -1.77
N TYR A 161 0.91 13.56 -0.92
CA TYR A 161 0.04 13.04 0.12
C TYR A 161 -0.20 14.04 1.26
N HIS A 162 0.62 15.09 1.33
CA HIS A 162 0.39 16.15 2.30
C HIS A 162 -0.51 17.24 1.75
N SER A 163 -1.02 17.06 0.54
CA SER A 163 -1.79 18.12 -0.10
C SER A 163 -3.27 17.78 -0.28
N ASN A 164 -4.02 18.78 -0.72
CA ASN A 164 -5.41 18.60 -1.07
C ASN A 164 -5.62 18.65 -2.58
N GLU A 165 -4.57 18.34 -3.34
CA GLU A 165 -4.69 18.25 -4.78
C GLU A 165 -5.68 17.11 -5.06
N TRP A 166 -6.52 17.28 -6.09
CA TRP A 166 -7.66 16.39 -6.23
C TRP A 166 -7.30 14.92 -6.39
N ALA A 167 -6.26 14.63 -7.17
CA ALA A 167 -5.87 13.24 -7.42
C ALA A 167 -5.32 12.62 -6.15
N ALA A 168 -4.65 13.43 -5.34
CA ALA A 168 -4.11 13.00 -4.08
C ALA A 168 -5.24 12.69 -3.08
N ILE A 169 -6.31 13.46 -3.14
CA ILE A 169 -7.48 13.17 -2.32
C ILE A 169 -8.13 11.86 -2.78
N ALA A 170 -8.20 11.64 -4.09
CA ALA A 170 -8.73 10.40 -4.63
C ALA A 170 -7.92 9.18 -4.18
N ALA A 171 -6.59 9.31 -4.19
CA ALA A 171 -5.72 8.24 -3.72
C ALA A 171 -5.90 8.01 -2.22
N LYS A 172 -5.93 9.08 -1.44
CA LYS A 172 -6.06 8.92 0.00
C LYS A 172 -7.40 8.36 0.44
N HIS A 173 -8.48 8.75 -0.24
CA HIS A 173 -9.81 8.26 0.14
C HIS A 173 -9.84 6.74 -0.05
N PHE A 174 -9.36 6.29 -1.20
CA PHE A 174 -9.27 4.87 -1.50
C PHE A 174 -8.32 4.14 -0.57
N PHE A 175 -7.09 4.61 -0.41
CA PHE A 175 -6.10 3.85 0.37
C PHE A 175 -6.31 3.95 1.88
N ASP A 176 -6.81 5.08 2.35
CA ASP A 176 -7.20 5.16 3.76
C ASP A 176 -8.40 4.21 4.04
N ASP A 177 -9.17 3.92 3.00
CA ASP A 177 -10.32 3.01 3.13
C ASP A 177 -9.86 1.53 3.21
N ILE A 178 -8.89 1.14 2.37
CA ILE A 178 -8.46 -0.26 2.33
C ILE A 178 -7.19 -0.60 3.10
N ILE A 179 -6.38 0.40 3.41
CA ILE A 179 -5.12 0.16 4.10
C ILE A 179 -5.11 0.57 5.58
N THR A 180 -5.44 1.83 5.84
CA THR A 180 -5.21 2.40 7.16
C THR A 180 -6.50 2.59 7.96
N GLY A 181 -7.64 2.43 7.30
CA GLY A 181 -8.91 2.79 7.92
C GLY A 181 -9.83 1.64 8.31
N ARG A 182 -9.31 0.42 8.28
CA ARG A 182 -10.12 -0.77 8.59
C ARG A 182 -9.36 -1.78 9.41
N ASP A 183 -10.09 -2.76 9.91
CA ASP A 183 -9.55 -3.80 10.79
C ASP A 183 -8.57 -4.71 10.05
N ALA A 184 -7.76 -5.44 10.82
CA ALA A 184 -6.70 -6.30 10.28
C ALA A 184 -7.14 -7.25 9.18
N ILE A 185 -8.30 -7.88 9.34
CA ILE A 185 -8.78 -8.84 8.36
C ILE A 185 -9.24 -8.16 7.07
N SER A 186 -9.85 -6.97 7.18
CA SER A 186 -10.21 -6.21 5.99
C SER A 186 -8.95 -5.83 5.20
N VAL A 187 -7.91 -5.42 5.92
CA VAL A 187 -6.62 -5.16 5.27
C VAL A 187 -6.13 -6.39 4.50
N ALA A 188 -6.03 -7.52 5.19
CA ALA A 188 -5.59 -8.77 4.58
C ALA A 188 -6.36 -9.04 3.29
N ILE A 189 -7.66 -8.81 3.31
CA ILE A 189 -8.49 -9.15 2.18
C ILE A 189 -8.53 -8.06 1.11
N MET A 190 -8.68 -6.81 1.53
CA MET A 190 -8.85 -5.69 0.60
C MET A 190 -7.51 -5.23 0.03
N LEU A 191 -6.48 -5.17 0.86
CA LEU A 191 -5.13 -4.78 0.40
C LEU A 191 -4.29 -5.96 -0.09
N THR A 192 -3.92 -6.90 0.79
CA THR A 192 -2.95 -7.92 0.35
C THR A 192 -3.51 -8.78 -0.78
N PHE A 193 -4.74 -9.27 -0.62
CA PHE A 193 -5.34 -10.06 -1.70
C PHE A 193 -5.84 -9.24 -2.88
N SER A 194 -6.84 -8.40 -2.64
CA SER A 194 -7.53 -7.69 -3.73
C SER A 194 -6.64 -6.69 -4.48
N PHE A 195 -5.93 -5.86 -3.75
CA PHE A 195 -5.10 -4.86 -4.42
C PHE A 195 -3.72 -5.37 -4.84
N GLU A 196 -3.04 -6.07 -3.93
CA GLU A 196 -1.64 -6.42 -4.15
C GLU A 196 -1.39 -7.69 -4.98
N THR A 197 -2.40 -8.51 -5.23
CA THR A 197 -2.16 -9.65 -6.12
C THR A 197 -2.69 -9.42 -7.52
N GLY A 198 -3.33 -8.28 -7.74
CA GLY A 198 -3.85 -8.00 -9.07
C GLY A 198 -3.40 -6.67 -9.62
N PHE A 199 -3.93 -5.60 -9.05
CA PHE A 199 -3.72 -4.27 -9.61
C PHE A 199 -2.28 -3.76 -9.58
N THR A 200 -1.53 -4.08 -8.52
CA THR A 200 -0.16 -3.52 -8.43
C THR A 200 0.76 -4.06 -9.52
N ASN A 201 0.48 -5.26 -10.00
CA ASN A 201 1.22 -5.80 -11.14
C ASN A 201 1.12 -4.88 -12.35
N MET A 202 -0.04 -4.23 -12.52
CA MET A 202 -0.23 -3.27 -13.60
C MET A 202 0.79 -2.14 -13.56
N GLN A 203 0.93 -1.52 -12.39
CA GLN A 203 1.77 -0.34 -12.25
C GLN A 203 3.26 -0.67 -12.14
N PHE A 204 3.58 -1.79 -11.49
CA PHE A 204 4.99 -2.14 -11.20
C PHE A 204 5.63 -3.12 -12.21
N LEU A 205 4.81 -3.81 -12.99
CA LEU A 205 5.36 -4.70 -14.01
C LEU A 205 4.93 -4.30 -15.42
N GLY A 206 3.63 -4.04 -15.60
CA GLY A 206 3.15 -3.51 -16.87
C GLY A 206 3.93 -2.26 -17.23
N LEU A 207 4.05 -1.36 -16.26
CA LEU A 207 4.80 -0.11 -16.45
C LEU A 207 6.29 -0.37 -16.64
N ALA A 208 6.83 -1.38 -15.96
CA ALA A 208 8.24 -1.72 -16.11
C ALA A 208 8.57 -2.08 -17.55
N ALA A 209 7.65 -2.80 -18.21
CA ALA A 209 7.81 -3.21 -19.61
C ALA A 209 7.90 -1.97 -20.49
N ASP A 210 7.00 -1.02 -20.26
CA ASP A 210 7.04 0.24 -20.99
C ASP A 210 8.35 0.98 -20.71
N ALA A 211 8.78 1.00 -19.45
CA ALA A 211 10.01 1.67 -19.07
C ALA A 211 11.24 1.06 -19.73
N ALA A 212 11.27 -0.26 -19.82
CA ALA A 212 12.33 -0.96 -20.53
C ALA A 212 12.33 -0.61 -22.01
N GLU A 213 11.16 -0.60 -22.65
CA GLU A 213 11.09 -0.20 -24.05
C GLU A 213 11.59 1.23 -24.21
N ALA A 214 11.31 2.07 -23.22
CA ALA A 214 11.73 3.46 -23.23
C ALA A 214 13.19 3.64 -22.81
N GLY A 215 13.90 2.54 -22.60
CA GLY A 215 15.30 2.61 -22.18
C GLY A 215 15.57 3.25 -20.81
N ASP A 216 14.60 3.20 -19.90
CA ASP A 216 14.83 3.71 -18.54
C ASP A 216 15.00 2.53 -17.56
N TYR A 217 16.22 1.99 -17.51
CA TYR A 217 16.45 0.76 -16.73
C TYR A 217 16.58 1.01 -15.24
N THR A 218 17.00 2.21 -14.85
CA THR A 218 17.04 2.53 -13.43
C THR A 218 15.62 2.33 -12.87
N PHE A 219 14.62 2.84 -13.59
CA PHE A 219 13.24 2.78 -13.14
C PHE A 219 12.64 1.38 -13.28
N ALA A 220 12.81 0.75 -14.44
CA ALA A 220 12.30 -0.60 -14.65
C ALA A 220 12.87 -1.57 -13.62
N ASN A 221 14.18 -1.47 -13.41
CA ASN A 221 14.86 -2.34 -12.44
C ASN A 221 14.33 -2.13 -11.04
N LEU A 222 14.12 -0.86 -10.68
CA LEU A 222 13.61 -0.52 -9.35
C LEU A 222 12.23 -1.14 -9.07
N ILE A 223 11.26 -0.85 -9.93
CA ILE A 223 9.88 -1.23 -9.65
C ILE A 223 9.65 -2.74 -9.74
N SER A 224 10.36 -3.41 -10.65
CA SER A 224 10.28 -4.87 -10.69
C SER A 224 10.89 -5.50 -9.45
N SER A 225 11.97 -4.91 -8.93
CA SER A 225 12.56 -5.39 -7.67
C SER A 225 11.58 -5.21 -6.52
N ILE A 226 10.95 -4.05 -6.46
CA ILE A 226 9.93 -3.78 -5.45
C ILE A 226 8.81 -4.84 -5.51
N GLN A 227 8.41 -5.23 -6.72
CA GLN A 227 7.30 -6.18 -6.86
C GLN A 227 7.63 -7.60 -6.38
N THR A 228 8.92 -7.94 -6.30
CA THR A 228 9.33 -9.25 -5.76
C THR A 228 9.00 -9.37 -4.26
N ASP A 229 9.00 -8.24 -3.54
CA ASP A 229 8.59 -8.23 -2.15
C ASP A 229 7.07 -8.42 -2.06
N GLU A 230 6.35 -7.66 -2.88
CA GLU A 230 4.91 -7.73 -2.97
C GLU A 230 4.43 -9.16 -3.20
N SER A 231 5.09 -9.88 -4.09
CA SER A 231 4.68 -11.24 -4.41
C SER A 231 4.70 -12.13 -3.17
N ARG A 232 5.58 -11.82 -2.23
CA ARG A 232 5.64 -12.56 -0.97
C ARG A 232 4.60 -12.07 0.03
N HIS A 233 4.62 -10.79 0.38
CA HIS A 233 3.73 -10.34 1.44
C HIS A 233 2.25 -10.26 1.03
N ALA A 234 1.98 -10.17 -0.27
CA ALA A 234 0.58 -10.18 -0.73
C ALA A 234 -0.06 -11.53 -0.49
N GLN A 235 0.75 -12.57 -0.30
CA GLN A 235 0.21 -13.90 -0.08
C GLN A 235 -0.35 -14.10 1.33
N GLN A 236 -0.58 -13.02 2.06
CA GLN A 236 -1.25 -13.11 3.36
C GLN A 236 -2.77 -13.14 3.22
N GLY A 237 -3.30 -12.61 2.13
CA GLY A 237 -4.75 -12.52 1.94
C GLY A 237 -5.45 -13.85 1.65
N GLY A 238 -4.85 -14.65 0.78
CA GLY A 238 -5.43 -15.93 0.39
C GLY A 238 -5.80 -16.83 1.57
N PRO A 239 -4.84 -17.10 2.45
CA PRO A 239 -5.14 -17.95 3.60
C PRO A 239 -6.26 -17.38 4.47
N ALA A 240 -6.26 -16.06 4.68
CA ALA A 240 -7.29 -15.42 5.48
C ALA A 240 -8.65 -15.62 4.82
N LEU A 241 -8.71 -15.48 3.51
CA LEU A 241 -9.95 -15.67 2.76
CA LEU A 241 -9.93 -15.68 2.74
C LEU A 241 -10.48 -17.10 2.90
N GLN A 242 -9.58 -18.08 2.75
CA GLN A 242 -9.97 -19.47 2.84
C GLN A 242 -10.48 -19.77 4.23
N LEU A 243 -9.83 -19.20 5.23
CA LEU A 243 -10.24 -19.42 6.61
C LEU A 243 -11.64 -18.84 6.85
N LEU A 244 -11.91 -17.67 6.28
CA LEU A 244 -13.21 -17.04 6.40
C LEU A 244 -14.30 -17.91 5.77
N ILE A 245 -14.01 -18.43 4.58
CA ILE A 245 -14.95 -19.31 3.88
C ILE A 245 -15.21 -20.61 4.68
N GLU A 246 -14.18 -21.14 5.32
CA GLU A 246 -14.31 -22.39 6.08
C GLU A 246 -15.06 -22.17 7.38
N ASN A 247 -15.06 -20.93 7.87
CA ASN A 247 -15.79 -20.63 9.09
C ASN A 247 -17.11 -19.92 8.83
N GLY A 248 -17.66 -20.14 7.64
CA GLY A 248 -19.00 -19.64 7.30
C GLY A 248 -19.13 -18.15 7.03
N LYS A 249 -18.04 -17.51 6.64
CA LYS A 249 -18.08 -16.07 6.35
C LYS A 249 -17.84 -15.74 4.89
N ARG A 250 -18.19 -16.69 4.00
CA ARG A 250 -18.09 -16.46 2.57
C ARG A 250 -18.72 -15.14 2.13
N GLU A 251 -19.96 -14.89 2.57
CA GLU A 251 -20.67 -13.69 2.15
C GLU A 251 -19.90 -12.42 2.52
N GLU A 252 -19.45 -12.34 3.76
CA GLU A 252 -18.72 -11.16 4.22
C GLU A 252 -17.40 -11.00 3.45
N ALA A 253 -16.71 -12.11 3.24
CA ALA A 253 -15.46 -12.12 2.49
C ALA A 253 -15.67 -11.64 1.05
N GLN A 254 -16.66 -12.22 0.37
CA GLN A 254 -17.01 -11.83 -0.99
C GLN A 254 -17.34 -10.33 -1.10
N LYS A 255 -18.02 -9.79 -0.10
CA LYS A 255 -18.39 -8.37 -0.11
C LYS A 255 -17.16 -7.49 -0.03
N LYS A 256 -16.20 -7.88 0.79
CA LYS A 256 -14.96 -7.13 0.93
C LYS A 256 -14.14 -7.10 -0.36
N VAL A 257 -14.00 -8.25 -1.01
CA VAL A 257 -13.29 -8.33 -2.29
C VAL A 257 -13.99 -7.53 -3.39
N ASP A 258 -15.31 -7.71 -3.52
CA ASP A 258 -16.11 -6.97 -4.49
C ASP A 258 -15.89 -5.46 -4.36
N MET A 259 -15.95 -4.94 -3.14
N MET A 259 -15.98 -4.96 -3.13
CA MET A 259 -15.74 -3.52 -2.89
CA MET A 259 -15.73 -3.54 -2.81
C MET A 259 -14.32 -3.05 -3.22
C MET A 259 -14.33 -3.08 -3.23
N ALA A 260 -13.31 -3.78 -2.76
CA ALA A 260 -11.91 -3.38 -2.98
C ALA A 260 -11.49 -3.37 -4.45
N ILE A 261 -11.87 -4.40 -5.21
CA ILE A 261 -11.55 -4.46 -6.64
C ILE A 261 -12.10 -3.28 -7.43
N TRP A 262 -13.34 -2.91 -7.13
CA TRP A 262 -13.95 -1.79 -7.85
C TRP A 262 -13.29 -0.46 -7.51
N ARG A 263 -13.10 -0.19 -6.23
CA ARG A 263 -12.44 1.04 -5.80
C ARG A 263 -11.02 1.15 -6.38
N ALA A 264 -10.27 0.04 -6.33
CA ALA A 264 -8.95 -0.01 -6.97
C ALA A 264 -9.02 0.29 -8.46
N TRP A 265 -10.02 -0.27 -9.13
CA TRP A 265 -10.16 -0.11 -10.57
C TRP A 265 -10.36 1.37 -10.98
N ARG A 266 -11.27 2.05 -10.29
CA ARG A 266 -11.61 3.42 -10.61
C ARG A 266 -10.38 4.32 -10.45
N LEU A 267 -9.69 4.19 -9.32
CA LEU A 267 -8.52 5.03 -9.06
C LEU A 267 -7.37 4.71 -9.99
N PHE A 268 -7.06 3.44 -10.13
CA PHE A 268 -5.92 3.03 -10.91
C PHE A 268 -6.10 3.27 -12.41
N ALA A 269 -7.32 3.50 -12.85
CA ALA A 269 -7.56 3.85 -14.25
C ALA A 269 -7.42 5.36 -14.53
N VAL A 270 -7.24 6.15 -13.48
CA VAL A 270 -7.08 7.58 -13.67
C VAL A 270 -5.59 7.88 -13.81
N LEU A 271 -4.76 6.97 -13.30
CA LEU A 271 -3.30 7.13 -13.27
CA LEU A 271 -3.32 7.16 -13.30
C LEU A 271 -2.62 6.28 -14.33
N THR A 272 -2.82 4.97 -14.23
CA THR A 272 -2.16 4.02 -15.13
C THR A 272 -2.75 4.00 -16.54
N GLY A 273 -4.06 4.24 -16.65
CA GLY A 273 -4.73 4.28 -17.95
C GLY A 273 -4.11 5.31 -18.90
N PRO A 274 -4.09 6.58 -18.48
CA PRO A 274 -3.49 7.63 -19.29
C PRO A 274 -1.99 7.40 -19.57
N VAL A 275 -1.25 6.90 -18.58
CA VAL A 275 0.17 6.61 -18.77
C VAL A 275 0.37 5.63 -19.91
N MET A 276 -0.37 4.54 -19.88
CA MET A 276 -0.13 3.44 -20.81
C MET A 276 -0.59 3.73 -22.23
N ASP A 277 -1.70 4.44 -22.35
CA ASP A 277 -2.30 4.68 -23.66
C ASP A 277 -2.04 6.08 -24.20
N TYR A 278 -1.43 6.97 -23.42
CA TYR A 278 -1.20 8.33 -23.89
C TYR A 278 0.17 8.93 -23.57
N TYR A 279 0.64 8.85 -22.33
CA TYR A 279 1.89 9.51 -21.96
C TYR A 279 3.11 8.78 -22.51
N THR A 280 3.08 7.46 -22.43
CA THR A 280 4.18 6.65 -22.91
C THR A 280 4.26 6.81 -24.41
N PRO A 281 5.45 7.13 -24.94
CA PRO A 281 5.57 7.27 -26.38
C PRO A 281 5.02 6.04 -27.09
N LEU A 282 4.38 6.25 -28.24
CA LEU A 282 3.77 5.18 -29.01
C LEU A 282 4.69 3.96 -29.18
N GLU A 283 5.95 4.20 -29.51
CA GLU A 283 6.85 3.09 -29.79
C GLU A 283 7.29 2.32 -28.54
N ASP A 284 6.96 2.84 -27.36
CA ASP A 284 7.31 2.20 -26.10
C ASP A 284 6.13 1.50 -25.44
N ARG A 285 4.98 1.55 -26.08
CA ARG A 285 3.78 0.90 -25.55
C ARG A 285 3.84 -0.61 -25.79
N SER A 286 4.36 -1.34 -24.81
CA SER A 286 4.50 -2.79 -24.88
C SER A 286 3.16 -3.45 -25.29
N GLN A 287 2.11 -3.08 -24.55
CA GLN A 287 0.72 -3.47 -24.82
C GLN A 287 -0.15 -2.28 -24.46
N SER A 288 -1.39 -2.26 -24.94
CA SER A 288 -2.33 -1.23 -24.49
C SER A 288 -2.79 -1.47 -23.04
N PHE A 289 -3.37 -0.45 -22.43
CA PHE A 289 -3.94 -0.57 -21.09
C PHE A 289 -4.94 -1.72 -21.00
N LYS A 290 -5.79 -1.85 -22.01
CA LYS A 290 -6.79 -2.92 -21.99
C LYS A 290 -6.13 -4.30 -22.08
N GLU A 291 -5.15 -4.44 -22.97
CA GLU A 291 -4.42 -5.70 -23.10
C GLU A 291 -3.75 -6.11 -21.78
N PHE A 292 -3.13 -5.14 -21.11
CA PHE A 292 -2.51 -5.39 -19.81
C PHE A 292 -3.59 -5.79 -18.79
N MET A 293 -4.71 -5.07 -18.78
CA MET A 293 -5.86 -5.47 -17.95
C MET A 293 -6.25 -6.94 -18.16
N TYR A 294 -6.38 -7.36 -19.42
CA TYR A 294 -6.77 -8.75 -19.72
C TYR A 294 -5.70 -9.77 -19.33
N GLU A 295 -4.43 -9.36 -19.40
CA GLU A 295 -3.35 -10.21 -18.93
C GLU A 295 -3.33 -10.31 -17.41
N TRP A 296 -3.30 -9.17 -16.74
CA TRP A 296 -3.06 -9.14 -15.30
C TRP A 296 -4.31 -9.29 -14.43
N ILE A 297 -5.43 -8.69 -14.86
CA ILE A 297 -6.63 -8.67 -14.05
C ILE A 297 -7.63 -9.79 -14.38
N ILE A 298 -8.01 -9.92 -15.65
CA ILE A 298 -8.91 -10.98 -16.07
C ILE A 298 -8.18 -12.33 -16.10
N GLY A 299 -7.03 -12.36 -16.77
CA GLY A 299 -6.34 -13.64 -16.99
C GLY A 299 -5.66 -14.20 -15.75
N GLN A 300 -4.97 -13.34 -15.02
CA GLN A 300 -4.26 -13.81 -13.85
C GLN A 300 -5.10 -13.70 -12.58
N PHE A 301 -5.44 -12.47 -12.18
CA PHE A 301 -6.07 -12.26 -10.88
C PHE A 301 -7.44 -12.94 -10.74
N GLU A 302 -8.29 -12.76 -11.75
CA GLU A 302 -9.62 -13.36 -11.77
C GLU A 302 -9.59 -14.86 -11.56
N ARG A 303 -8.75 -15.51 -12.37
CA ARG A 303 -8.58 -16.94 -12.29
C ARG A 303 -8.12 -17.37 -10.90
N SER A 304 -7.25 -16.57 -10.29
CA SER A 304 -6.78 -16.88 -8.95
C SER A 304 -7.92 -16.73 -7.95
N LEU A 305 -8.77 -15.73 -8.16
CA LEU A 305 -9.90 -15.49 -7.27
C LEU A 305 -10.84 -16.70 -7.29
N ILE A 306 -11.07 -17.23 -8.49
CA ILE A 306 -11.90 -18.39 -8.68
C ILE A 306 -11.29 -19.65 -8.04
N ASP A 307 -9.96 -19.77 -8.12
CA ASP A 307 -9.29 -20.96 -7.56
C ASP A 307 -9.44 -21.02 -6.06
N LEU A 308 -9.54 -19.87 -5.40
CA LEU A 308 -9.67 -19.82 -3.95
C LEU A 308 -11.11 -20.02 -3.47
N GLY A 309 -12.04 -20.17 -4.41
CA GLY A 309 -13.42 -20.49 -4.05
C GLY A 309 -14.41 -19.34 -4.04
N LEU A 310 -13.98 -18.17 -4.50
CA LEU A 310 -14.90 -17.02 -4.59
C LEU A 310 -15.52 -16.92 -5.98
N ASP A 311 -16.50 -16.03 -6.12
CA ASP A 311 -17.19 -15.86 -7.41
C ASP A 311 -16.71 -14.60 -8.09
N LYS A 312 -16.91 -14.53 -9.40
CA LYS A 312 -16.76 -13.28 -10.12
C LYS A 312 -17.64 -12.26 -9.40
N PRO A 313 -17.12 -11.04 -9.18
CA PRO A 313 -17.93 -9.97 -8.62
C PRO A 313 -19.26 -9.79 -9.37
N TRP A 314 -20.29 -9.37 -8.66
CA TRP A 314 -21.61 -9.22 -9.27
C TRP A 314 -21.60 -8.24 -10.44
N TYR A 315 -20.71 -7.26 -10.37
CA TYR A 315 -20.61 -6.20 -11.38
C TYR A 315 -19.68 -6.56 -12.54
N TRP A 316 -19.37 -7.84 -12.71
CA TRP A 316 -18.35 -8.22 -13.69
C TRP A 316 -18.58 -7.64 -15.08
N ASP A 317 -19.79 -7.72 -15.60
CA ASP A 317 -20.06 -7.20 -16.94
C ASP A 317 -19.92 -5.68 -17.02
N LEU A 318 -20.32 -4.98 -15.97
CA LEU A 318 -20.12 -3.54 -15.86
C LEU A 318 -18.63 -3.20 -15.92
N PHE A 319 -17.82 -4.02 -15.27
CA PHE A 319 -16.37 -3.84 -15.21
C PHE A 319 -15.75 -3.98 -16.59
N LEU A 320 -16.12 -5.05 -17.30
CA LEU A 320 -15.57 -5.31 -18.62
C LEU A 320 -15.85 -4.15 -19.58
N LYS A 321 -17.08 -3.67 -19.56
CA LYS A 321 -17.46 -2.54 -20.38
C LYS A 321 -16.64 -1.30 -19.99
N ASP A 322 -16.50 -1.07 -18.69
CA ASP A 322 -15.72 0.06 -18.19
C ASP A 322 -14.27 0.05 -18.73
N ILE A 323 -13.69 -1.13 -18.87
CA ILE A 323 -12.30 -1.23 -19.32
C ILE A 323 -12.15 -0.68 -20.74
N ASP A 324 -13.23 -0.75 -21.52
CA ASP A 324 -13.24 -0.24 -22.88
C ASP A 324 -13.38 1.29 -22.95
N GLU A 325 -13.78 1.92 -21.86
CA GLU A 325 -14.25 3.32 -21.92
C GLU A 325 -13.71 4.26 -20.87
N LEU A 326 -13.68 3.82 -19.61
CA LEU A 326 -13.43 4.74 -18.50
C LEU A 326 -12.16 5.61 -18.67
N HIS A 327 -11.03 4.95 -18.88
CA HIS A 327 -9.74 5.65 -18.86
C HIS A 327 -9.55 6.69 -19.98
N HIS A 328 -10.19 6.49 -21.13
CA HIS A 328 -10.13 7.46 -22.21
C HIS A 328 -10.76 8.78 -21.79
N SER A 329 -11.77 8.70 -20.93
CA SER A 329 -12.45 9.89 -20.44
C SER A 329 -11.71 10.48 -19.27
N TYR A 330 -11.12 9.61 -18.44
CA TYR A 330 -10.27 10.03 -17.35
C TYR A 330 -9.07 10.81 -17.90
N HIS A 331 -8.50 10.30 -18.98
CA HIS A 331 -7.34 10.96 -19.61
C HIS A 331 -7.71 12.37 -20.10
N MET A 332 -8.85 12.46 -20.77
CA MET A 332 -9.36 13.72 -21.29
C MET A 332 -9.57 14.72 -20.16
N GLY A 333 -10.19 14.26 -19.08
CA GLY A 333 -10.41 15.07 -17.88
C GLY A 333 -9.12 15.53 -17.23
N VAL A 334 -8.15 14.62 -17.09
CA VAL A 334 -6.86 15.00 -16.52
C VAL A 334 -6.11 15.98 -17.42
N TRP A 335 -6.15 15.75 -18.74
CA TRP A 335 -5.47 16.64 -19.67
C TRP A 335 -6.12 18.03 -19.77
N TYR A 336 -7.45 18.07 -19.86
CA TYR A 336 -8.14 19.36 -19.98
C TYR A 336 -8.01 20.19 -18.70
N TRP A 337 -8.00 19.50 -17.56
CA TRP A 337 -7.73 20.16 -16.26
C TRP A 337 -6.26 19.96 -15.83
N ARG A 338 -5.35 19.87 -16.80
CA ARG A 338 -3.94 19.61 -16.52
C ARG A 338 -3.31 20.55 -15.48
N THR A 339 -3.79 21.79 -15.42
CA THR A 339 -3.23 22.78 -14.50
C THR A 339 -3.39 22.38 -13.01
N THR A 340 -4.32 21.46 -12.74
CA THR A 340 -4.55 20.97 -11.39
C THR A 340 -3.70 19.73 -11.04
N ALA A 341 -2.91 19.27 -11.98
CA ALA A 341 -2.04 18.10 -11.74
C ALA A 341 -0.63 18.54 -11.48
N TRP A 342 0.16 17.68 -10.84
CA TRP A 342 1.55 18.02 -10.52
C TRP A 342 2.52 17.41 -11.52
N TRP A 343 1.96 16.81 -12.57
CA TRP A 343 2.75 16.34 -13.72
C TRP A 343 2.18 16.99 -14.99
N ASN A 344 2.86 16.82 -16.13
CA ASN A 344 2.41 17.40 -17.39
C ASN A 344 1.86 16.35 -18.32
N PRO A 345 0.53 16.24 -18.38
CA PRO A 345 -0.17 15.24 -19.19
C PRO A 345 0.13 15.45 -20.66
N ALA A 346 0.41 14.35 -21.35
CA ALA A 346 0.58 14.39 -22.80
C ALA A 346 -0.77 14.10 -23.43
N ALA A 347 -1.14 14.88 -24.44
CA ALA A 347 -2.44 14.71 -25.08
C ALA A 347 -2.51 13.36 -25.78
N GLY A 348 -1.41 13.00 -26.44
CA GLY A 348 -1.32 11.69 -27.10
C GLY A 348 -2.31 11.47 -28.23
N VAL A 349 -2.62 12.53 -28.98
CA VAL A 349 -3.63 12.42 -30.03
C VAL A 349 -3.16 12.87 -31.42
N THR A 350 -1.88 12.65 -31.72
CA THR A 350 -1.41 12.84 -33.09
C THR A 350 -2.07 11.74 -33.92
N PRO A 351 -2.17 11.96 -35.25
CA PRO A 351 -2.81 10.98 -36.13
C PRO A 351 -2.29 9.55 -35.95
N GLU A 352 -0.97 9.40 -35.86
CA GLU A 352 -0.38 8.08 -35.74
C GLU A 352 -0.81 7.42 -34.42
N GLU A 353 -0.98 8.23 -33.39
CA GLU A 353 -1.45 7.73 -32.11
C GLU A 353 -2.93 7.39 -32.19
N ARG A 354 -3.69 8.21 -32.93
CA ARG A 354 -5.12 7.97 -33.11
C ARG A 354 -5.41 6.70 -33.93
N ASP A 355 -4.51 6.36 -34.85
CA ASP A 355 -4.60 5.08 -35.57
C ASP A 355 -4.40 3.88 -34.64
N TRP A 356 -3.43 4.01 -33.74
CA TRP A 356 -3.19 2.99 -32.73
C TRP A 356 -4.41 2.89 -31.80
N LEU A 357 -4.91 4.05 -31.36
CA LEU A 357 -6.07 4.06 -30.49
C LEU A 357 -7.26 3.37 -31.15
N GLU A 358 -7.45 3.64 -32.45
CA GLU A 358 -8.54 3.03 -33.20
C GLU A 358 -8.38 1.52 -33.31
N GLU A 359 -7.15 1.06 -33.52
CA GLU A 359 -6.88 -0.38 -33.55
C GLU A 359 -7.20 -1.03 -32.19
N LYS A 360 -6.71 -0.43 -31.11
CA LYS A 360 -6.84 -0.98 -29.77
C LYS A 360 -8.26 -0.84 -29.21
N TYR A 361 -8.98 0.18 -29.67
CA TYR A 361 -10.34 0.42 -29.22
C TYR A 361 -11.24 0.82 -30.40
N PRO A 362 -11.63 -0.17 -31.22
CA PRO A 362 -12.45 0.17 -32.39
C PRO A 362 -13.59 1.10 -32.00
N GLY A 363 -13.73 2.21 -32.70
CA GLY A 363 -14.80 3.18 -32.43
C GLY A 363 -14.30 4.45 -31.76
N TRP A 364 -13.05 4.41 -31.30
CA TRP A 364 -12.46 5.49 -30.50
C TRP A 364 -12.58 6.86 -31.16
N ASN A 365 -12.32 6.92 -32.46
CA ASN A 365 -12.38 8.19 -33.18
C ASN A 365 -13.77 8.81 -33.28
N LYS A 366 -14.81 7.98 -33.25
CA LYS A 366 -16.18 8.49 -33.34
C LYS A 366 -16.74 8.85 -31.96
N ARG A 367 -15.92 8.64 -30.93
CA ARG A 367 -16.29 8.95 -29.56
C ARG A 367 -15.39 10.04 -28.98
N TRP A 368 -14.30 9.63 -28.33
CA TRP A 368 -13.37 10.61 -27.75
C TRP A 368 -12.68 11.44 -28.85
N GLY A 369 -12.49 10.83 -30.02
CA GLY A 369 -11.95 11.55 -31.16
C GLY A 369 -12.72 12.83 -31.48
N ARG A 370 -14.03 12.81 -31.28
CA ARG A 370 -14.86 14.00 -31.52
C ARG A 370 -14.44 15.19 -30.66
N CYS A 371 -14.15 14.93 -29.39
CA CYS A 371 -13.72 15.98 -28.47
C CYS A 371 -12.30 16.43 -28.81
N TRP A 372 -11.45 15.48 -29.16
CA TRP A 372 -10.07 15.79 -29.50
C TRP A 372 -9.99 16.56 -30.81
N ASP A 373 -10.93 16.31 -31.73
CA ASP A 373 -11.00 17.10 -32.97
C ASP A 373 -11.23 18.58 -32.66
N VAL A 374 -12.11 18.85 -31.71
CA VAL A 374 -12.46 20.23 -31.38
C VAL A 374 -11.29 20.89 -30.68
N ILE A 375 -10.65 20.13 -29.79
CA ILE A 375 -9.49 20.60 -29.05
C ILE A 375 -8.35 20.91 -30.00
N THR A 376 -8.06 19.96 -30.89
CA THR A 376 -6.99 20.10 -31.88
C THR A 376 -7.16 21.33 -32.76
N GLU A 377 -8.39 21.56 -33.20
CA GLU A 377 -8.72 22.73 -34.02
C GLU A 377 -8.43 24.02 -33.27
N ASN A 378 -8.86 24.10 -32.01
CA ASN A 378 -8.59 25.27 -31.20
C ASN A 378 -7.11 25.55 -31.06
N VAL A 379 -6.31 24.50 -30.94
CA VAL A 379 -4.87 24.68 -30.79
C VAL A 379 -4.29 25.19 -32.12
N LEU A 380 -4.61 24.50 -33.20
CA LEU A 380 -4.14 24.87 -34.52
C LEU A 380 -4.47 26.32 -34.88
N ASN A 381 -5.54 26.83 -34.30
CA ASN A 381 -6.00 28.19 -34.57
C ASN A 381 -5.68 29.15 -33.44
N ASP A 382 -4.77 28.74 -32.57
CA ASP A 382 -4.30 29.57 -31.47
C ASP A 382 -5.45 30.17 -30.64
N ARG A 383 -6.51 29.39 -30.42
CA ARG A 383 -7.57 29.78 -29.48
C ARG A 383 -7.36 29.06 -28.16
N MET A 384 -6.38 29.50 -27.38
CA MET A 384 -5.97 28.74 -26.21
C MET A 384 -6.95 28.87 -25.04
N ASP A 385 -7.71 29.96 -25.02
CA ASP A 385 -8.72 30.14 -23.97
C ASP A 385 -9.72 28.98 -23.96
N LEU A 386 -9.93 28.35 -25.11
CA LEU A 386 -10.89 27.26 -25.24
C LEU A 386 -10.27 25.91 -24.88
N VAL A 387 -8.95 25.91 -24.67
CA VAL A 387 -8.22 24.70 -24.29
C VAL A 387 -7.94 24.65 -22.78
N SER A 388 -8.49 25.61 -22.04
CA SER A 388 -8.38 25.63 -20.58
C SER A 388 -9.75 25.82 -19.94
N PRO A 389 -9.98 25.19 -18.80
CA PRO A 389 -11.29 25.24 -18.17
C PRO A 389 -11.53 26.53 -17.40
N GLU A 390 -12.79 26.91 -17.27
CA GLU A 390 -13.14 28.05 -16.44
C GLU A 390 -14.14 27.62 -15.36
N THR A 391 -14.33 26.31 -15.22
CA THR A 391 -15.13 25.77 -14.13
C THR A 391 -14.58 24.43 -13.65
N LEU A 392 -15.23 23.84 -12.66
CA LEU A 392 -14.82 22.57 -12.10
C LEU A 392 -15.62 21.40 -12.67
N PRO A 393 -14.99 20.23 -12.80
CA PRO A 393 -15.76 19.04 -13.10
C PRO A 393 -16.58 18.64 -11.88
N SER A 394 -17.72 17.99 -12.11
CA SER A 394 -18.48 17.38 -11.02
C SER A 394 -17.73 16.12 -10.59
N VAL A 395 -17.71 15.84 -9.29
CA VAL A 395 -16.82 14.80 -8.74
C VAL A 395 -17.55 13.70 -7.95
N CYS A 396 -17.21 12.44 -8.21
CA CYS A 396 -17.81 11.29 -7.51
C CYS A 396 -17.59 11.39 -6.01
N ASN A 397 -18.66 11.19 -5.23
CA ASN A 397 -18.55 11.17 -3.77
C ASN A 397 -17.92 9.90 -3.21
N MET A 398 -17.62 8.94 -4.08
CA MET A 398 -16.84 7.78 -3.65
C MET A 398 -15.40 7.88 -4.17
N SER A 399 -15.21 7.83 -5.47
CA SER A 399 -13.86 7.75 -6.04
C SER A 399 -13.09 9.06 -5.97
N GLN A 400 -13.80 10.17 -5.82
CA GLN A 400 -13.22 11.52 -5.83
C GLN A 400 -12.68 11.91 -7.20
N ILE A 401 -13.17 11.25 -8.24
CA ILE A 401 -12.77 11.52 -9.61
C ILE A 401 -13.96 12.07 -10.41
N PRO A 402 -13.69 12.98 -11.36
CA PRO A 402 -14.74 13.58 -12.17
C PRO A 402 -15.74 12.55 -12.71
N LEU A 403 -17.00 12.98 -12.84
CA LEU A 403 -18.06 12.12 -13.37
C LEU A 403 -18.05 12.16 -14.89
N VAL A 404 -17.87 11.01 -15.52
CA VAL A 404 -17.62 10.96 -16.94
C VAL A 404 -18.51 9.96 -17.68
N GLY A 405 -18.47 10.00 -19.01
CA GLY A 405 -19.21 9.06 -19.84
C GLY A 405 -18.54 8.90 -21.19
N VAL A 406 -19.27 8.35 -22.15
CA VAL A 406 -18.81 8.23 -23.52
C VAL A 406 -19.27 9.45 -24.32
N PRO A 407 -18.33 10.20 -24.91
CA PRO A 407 -18.73 11.35 -25.70
C PRO A 407 -18.89 10.99 -27.16
N GLY A 408 -19.23 11.98 -27.99
CA GLY A 408 -19.29 11.76 -29.43
C GLY A 408 -20.58 11.14 -29.94
N ASP A 409 -20.45 10.32 -30.98
CA ASP A 409 -21.58 9.80 -31.75
C ASP A 409 -22.65 9.09 -30.94
N ASP A 410 -22.26 8.19 -30.06
CA ASP A 410 -23.25 7.50 -29.23
C ASP A 410 -23.13 7.95 -27.77
N TRP A 411 -23.26 9.25 -27.57
CA TRP A 411 -23.14 9.87 -26.26
C TRP A 411 -23.90 9.13 -25.18
N ASN A 412 -23.21 8.77 -24.11
CA ASN A 412 -23.86 8.13 -22.99
C ASN A 412 -23.14 8.46 -21.69
N ILE A 413 -23.86 9.10 -20.76
CA ILE A 413 -23.30 9.43 -19.48
C ILE A 413 -24.34 9.28 -18.38
N GLU A 414 -23.94 8.69 -17.26
CA GLU A 414 -24.87 8.48 -16.15
C GLU A 414 -24.28 8.76 -14.77
N VAL A 415 -25.03 9.52 -13.98
CA VAL A 415 -24.69 9.80 -12.60
C VAL A 415 -25.65 9.02 -11.70
N PHE A 416 -25.13 8.37 -10.68
CA PHE A 416 -26.00 7.61 -9.78
C PHE A 416 -26.08 8.34 -8.45
N SER A 417 -27.26 8.88 -8.16
CA SER A 417 -27.42 9.74 -7.00
C SER A 417 -28.07 9.06 -5.82
N LEU A 418 -27.95 9.69 -4.66
CA LEU A 418 -28.40 9.09 -3.41
C LEU A 418 -28.66 10.15 -2.37
N GLU A 419 -29.84 10.11 -1.77
CA GLU A 419 -30.11 10.92 -0.59
C GLU A 419 -29.82 10.09 0.63
N HIS A 420 -29.19 10.71 1.62
CA HIS A 420 -28.81 10.00 2.82
C HIS A 420 -28.61 10.98 3.95
N ASN A 421 -29.38 10.80 5.01
CA ASN A 421 -29.34 11.70 6.14
C ASN A 421 -29.43 13.15 5.72
N GLY A 422 -30.38 13.45 4.84
CA GLY A 422 -30.62 14.83 4.42
C GLY A 422 -29.47 15.44 3.64
N ARG A 423 -28.77 14.61 2.85
CA ARG A 423 -27.75 15.10 1.95
C ARG A 423 -27.80 14.40 0.59
N LEU A 424 -27.53 15.13 -0.47
CA LEU A 424 -27.50 14.56 -1.82
C LEU A 424 -26.08 14.22 -2.28
N TYR A 425 -25.82 12.94 -2.49
CA TYR A 425 -24.52 12.46 -2.99
C TYR A 425 -24.64 12.04 -4.45
N HIS A 426 -23.57 12.18 -5.22
CA HIS A 426 -23.55 11.68 -6.60
C HIS A 426 -22.37 10.73 -6.84
N PHE A 427 -22.61 9.64 -7.57
CA PHE A 427 -21.56 8.65 -7.83
C PHE A 427 -21.43 8.35 -9.30
N GLY A 428 -20.24 7.93 -9.72
CA GLY A 428 -19.96 7.69 -11.13
C GLY A 428 -20.34 6.33 -11.63
N SER A 429 -20.82 5.47 -10.74
CA SER A 429 -21.27 4.14 -11.15
C SER A 429 -22.26 3.55 -10.17
N GLU A 430 -23.01 2.53 -10.62
CA GLU A 430 -23.86 1.75 -9.73
C GLU A 430 -23.03 1.14 -8.59
N VAL A 431 -21.82 0.67 -8.93
CA VAL A 431 -21.00 -0.02 -7.94
C VAL A 431 -20.53 0.97 -6.87
N ASP A 432 -20.12 2.15 -7.30
CA ASP A 432 -19.65 3.18 -6.37
C ASP A 432 -20.74 3.55 -5.35
N ARG A 433 -21.97 3.69 -5.83
CA ARG A 433 -23.10 3.93 -4.92
C ARG A 433 -23.35 2.74 -3.99
N TRP A 434 -23.22 1.53 -4.52
CA TRP A 434 -23.32 0.30 -3.72
C TRP A 434 -22.25 0.23 -2.62
N VAL A 435 -21.01 0.55 -2.96
CA VAL A 435 -19.93 0.62 -1.97
C VAL A 435 -20.31 1.53 -0.81
N PHE A 436 -20.82 2.71 -1.14
CA PHE A 436 -21.22 3.66 -0.12
C PHE A 436 -22.27 3.00 0.79
N GLN A 437 -23.21 2.31 0.17
CA GLN A 437 -24.33 1.72 0.92
C GLN A 437 -23.89 0.54 1.80
N GLN A 438 -22.72 -0.03 1.52
CA GLN A 438 -22.21 -1.13 2.32
C GLN A 438 -21.69 -0.70 3.68
N ASP A 439 -21.30 0.57 3.80
CA ASP A 439 -20.69 1.01 5.05
C ASP A 439 -20.75 2.53 5.16
N PRO A 440 -21.96 3.09 5.28
CA PRO A 440 -22.20 4.54 5.24
C PRO A 440 -21.38 5.32 6.28
N VAL A 441 -21.17 4.77 7.46
CA VAL A 441 -20.43 5.48 8.52
C VAL A 441 -18.96 5.72 8.13
N GLN A 442 -18.43 4.93 7.22
CA GLN A 442 -17.08 5.13 6.71
C GLN A 442 -17.00 6.41 5.88
N TYR A 443 -18.10 6.74 5.20
CA TYR A 443 -18.11 7.74 4.14
C TYR A 443 -19.02 8.95 4.35
N GLN A 444 -20.06 8.79 5.16
CA GLN A 444 -21.21 9.71 5.07
C GLN A 444 -20.88 11.20 5.21
N ASN A 445 -19.97 11.55 6.10
CA ASN A 445 -19.67 12.98 6.29
C ASN A 445 -18.41 13.47 5.57
N HIS A 446 -17.85 12.63 4.70
CA HIS A 446 -16.73 13.09 3.90
C HIS A 446 -17.23 14.08 2.86
N MET A 447 -16.50 15.17 2.65
N MET A 447 -16.48 15.15 2.65
CA MET A 447 -16.83 16.14 1.61
CA MET A 447 -16.79 16.15 1.63
C MET A 447 -15.78 16.13 0.50
C MET A 447 -15.76 16.10 0.51
N ASN A 448 -16.20 15.83 -0.71
CA ASN A 448 -15.30 15.83 -1.86
C ASN A 448 -14.90 17.27 -2.21
N ILE A 449 -13.87 17.43 -3.03
CA ILE A 449 -13.31 18.76 -3.25
C ILE A 449 -14.36 19.77 -3.71
N VAL A 450 -15.29 19.33 -4.56
CA VAL A 450 -16.33 20.21 -5.08
C VAL A 450 -17.37 20.59 -4.01
N ASP A 451 -17.67 19.66 -3.10
CA ASP A 451 -18.56 19.94 -1.97
C ASP A 451 -17.93 21.03 -1.12
N ARG A 452 -16.60 20.97 -0.99
CA ARG A 452 -15.86 21.94 -0.19
C ARG A 452 -15.90 23.30 -0.89
N PHE A 453 -15.75 23.30 -2.20
CA PHE A 453 -15.80 24.51 -3.01
C PHE A 453 -17.14 25.22 -2.85
N LEU A 454 -18.23 24.46 -2.89
CA LEU A 454 -19.58 25.02 -2.80
C LEU A 454 -19.93 25.42 -1.38
N ALA A 455 -19.24 24.83 -0.41
CA ALA A 455 -19.51 25.12 1.00
C ALA A 455 -18.68 26.29 1.53
N GLY A 456 -17.91 26.94 0.67
CA GLY A 456 -17.16 28.13 1.06
C GLY A 456 -15.80 27.89 1.72
N GLN A 457 -15.35 26.64 1.70
CA GLN A 457 -14.08 26.27 2.33
C GLN A 457 -12.89 26.60 1.45
N ILE A 458 -13.14 26.77 0.15
CA ILE A 458 -12.09 27.15 -0.78
C ILE A 458 -12.20 28.63 -1.15
N GLN A 459 -11.32 29.44 -0.57
CA GLN A 459 -11.29 30.89 -0.78
C GLN A 459 -9.96 31.33 -1.40
N PRO A 460 -10.01 32.17 -2.43
CA PRO A 460 -11.27 32.59 -3.04
C PRO A 460 -11.91 31.47 -3.84
N MET A 461 -13.23 31.53 -3.97
CA MET A 461 -14.00 30.55 -4.70
C MET A 461 -13.80 30.74 -6.22
N THR A 462 -12.56 30.59 -6.67
CA THR A 462 -12.20 30.71 -8.07
C THR A 462 -11.25 29.57 -8.43
N LEU A 463 -10.96 29.41 -9.72
CA LEU A 463 -10.04 28.36 -10.15
C LEU A 463 -8.64 28.56 -9.58
N GLU A 464 -8.25 29.82 -9.37
CA GLU A 464 -6.96 30.10 -8.76
C GLU A 464 -6.99 29.79 -7.27
N GLY A 465 -8.12 30.07 -6.63
CA GLY A 465 -8.28 29.73 -5.22
C GLY A 465 -8.17 28.23 -4.97
N ALA A 466 -8.77 27.44 -5.86
CA ALA A 466 -8.75 25.99 -5.75
C ALA A 466 -7.32 25.45 -5.96
N LEU A 467 -6.58 26.08 -6.87
CA LEU A 467 -5.19 25.69 -7.10
C LEU A 467 -4.32 25.90 -5.86
N LYS A 468 -4.49 27.03 -5.18
CA LYS A 468 -3.73 27.25 -3.95
C LYS A 468 -4.19 26.32 -2.84
N TYR A 469 -5.50 26.05 -2.78
CA TYR A 469 -6.03 25.07 -1.84
C TYR A 469 -5.36 23.71 -2.09
N MET A 470 -5.19 23.35 -3.36
CA MET A 470 -4.62 22.05 -3.76
C MET A 470 -3.12 21.95 -3.46
N GLY A 471 -2.53 23.04 -2.96
CA GLY A 471 -1.17 23.02 -2.43
C GLY A 471 -0.06 23.41 -3.39
N PHE A 472 -0.43 23.93 -4.55
CA PHE A 472 0.57 24.40 -5.50
C PHE A 472 1.27 25.65 -4.94
N GLN A 473 2.58 25.75 -5.17
CA GLN A 473 3.38 26.77 -4.51
C GLN A 473 4.09 27.72 -5.48
N SER A 474 4.06 27.39 -6.77
CA SER A 474 4.64 28.25 -7.79
C SER A 474 4.01 27.96 -9.13
N ILE A 475 4.22 28.85 -10.08
CA ILE A 475 3.63 28.69 -11.41
C ILE A 475 4.17 27.43 -12.09
N GLU A 476 5.42 27.09 -11.82
CA GLU A 476 6.08 25.97 -12.48
C GLU A 476 5.51 24.61 -12.10
N GLU A 477 4.94 24.53 -10.89
CA GLU A 477 4.46 23.26 -10.35
C GLU A 477 3.22 22.72 -11.05
N MET A 478 2.39 23.64 -11.57
CA MET A 478 1.12 23.26 -12.19
C MET A 478 1.30 22.57 -13.53
N GLY A 479 0.46 21.58 -13.80
CA GLY A 479 0.54 20.82 -15.03
C GLY A 479 0.27 21.63 -16.29
N LYS A 480 1.00 21.30 -17.35
CA LYS A 480 0.70 21.83 -18.67
C LYS A 480 0.87 20.73 -19.69
N ASP A 481 0.57 21.01 -20.95
CA ASP A 481 0.74 20.00 -21.98
C ASP A 481 2.20 19.59 -22.04
N ALA A 482 2.43 18.28 -22.03
CA ALA A 482 3.79 17.72 -21.92
C ALA A 482 4.75 18.23 -22.99
N HIS A 483 4.24 18.38 -24.21
CA HIS A 483 5.05 18.80 -25.34
C HIS A 483 4.81 20.26 -25.75
N ASP A 484 4.25 21.06 -24.83
CA ASP A 484 3.87 22.44 -25.17
C ASP A 484 3.06 22.48 -26.46
N PHE A 485 2.22 21.48 -26.69
CA PHE A 485 1.33 21.45 -27.84
C PHE A 485 2.03 21.16 -29.17
N ALA A 486 3.34 20.94 -29.11
CA ALA A 486 4.09 20.63 -30.32
C ALA A 486 3.41 19.54 -31.15
N TRP A 487 2.63 18.69 -30.48
CA TRP A 487 1.93 17.61 -31.16
C TRP A 487 0.98 18.09 -32.26
N ALA A 488 0.55 19.34 -32.17
CA ALA A 488 -0.38 19.88 -33.14
C ALA A 488 0.28 20.01 -34.50
N ASP A 489 1.60 20.19 -34.50
CA ASP A 489 2.36 20.33 -35.73
C ASP A 489 2.28 19.08 -36.60
N LYS A 490 1.76 17.99 -36.05
CA LYS A 490 1.63 16.75 -36.81
C LYS A 490 0.19 16.49 -37.23
N CYS A 491 -0.70 17.42 -36.85
CA CYS A 491 -2.11 17.33 -37.20
C CYS A 491 -2.49 18.19 -38.41
N LYS A 492 -1.49 18.83 -39.02
CA LYS A 492 -1.74 19.67 -40.19
C LYS A 492 -2.35 18.86 -41.33
N SER B 1 -2.46 34.72 -6.72
CA SER B 1 -1.48 34.81 -7.84
C SER B 1 -0.32 33.88 -7.57
N PHE B 2 0.22 33.29 -8.63
CA PHE B 2 1.32 32.35 -8.48
C PHE B 2 2.65 32.92 -8.98
N GLU B 3 3.64 32.93 -8.09
CA GLU B 3 4.97 33.44 -8.41
C GLU B 3 5.80 32.36 -9.12
N SER B 4 6.90 32.79 -9.71
CA SER B 4 7.92 31.85 -10.17
C SER B 4 8.88 31.57 -9.03
N LYS B 5 9.29 30.31 -8.88
CA LYS B 5 10.25 29.91 -7.88
C LYS B 5 11.19 28.89 -8.49
N LYS B 6 12.43 28.86 -8.03
CA LYS B 6 13.43 27.96 -8.59
C LYS B 6 13.29 26.55 -8.01
N PRO B 7 13.82 25.55 -8.71
CA PRO B 7 13.87 24.19 -8.14
C PRO B 7 14.65 24.21 -6.83
N MET B 8 14.26 23.37 -5.87
CA MET B 8 14.97 23.30 -4.60
C MET B 8 15.95 22.12 -4.61
N ARG B 9 16.92 22.12 -3.70
CA ARG B 9 17.97 21.10 -3.69
C ARG B 9 17.54 19.80 -2.99
N THR B 10 16.37 19.85 -2.36
CA THR B 10 15.84 18.74 -1.58
C THR B 10 14.33 18.95 -1.43
N TRP B 11 13.66 18.16 -0.59
CA TRP B 11 12.22 18.35 -0.37
C TRP B 11 11.97 19.75 0.16
N SER B 12 10.82 20.32 -0.18
CA SER B 12 10.44 21.64 0.34
C SER B 12 10.54 21.74 1.87
N HIS B 13 10.17 20.68 2.58
CA HIS B 13 10.22 20.73 4.05
C HIS B 13 11.64 20.66 4.62
N LEU B 14 12.61 20.32 3.80
CA LEU B 14 14.00 20.20 4.26
C LEU B 14 14.84 21.33 3.69
N ALA B 15 14.26 22.08 2.77
CA ALA B 15 15.01 23.12 2.05
C ALA B 15 15.61 24.18 2.96
N GLU B 16 15.09 24.31 4.18
CA GLU B 16 15.59 25.27 5.15
C GLU B 16 16.68 24.75 6.08
N MET B 17 17.04 23.47 5.93
CA MET B 17 18.18 22.92 6.66
C MET B 17 19.44 23.67 6.22
N ARG B 18 20.35 23.89 7.16
CA ARG B 18 21.67 24.40 6.82
C ARG B 18 22.55 23.24 6.32
N LYS B 19 22.53 22.13 7.03
CA LYS B 19 23.27 20.91 6.64
C LYS B 19 22.66 20.25 5.40
N LYS B 20 23.51 19.62 4.59
CA LYS B 20 23.02 18.89 3.43
C LYS B 20 22.20 17.70 3.90
N PRO B 21 20.95 17.60 3.44
CA PRO B 21 20.08 16.48 3.87
C PRO B 21 20.78 15.15 3.69
N SER B 22 20.74 14.30 4.72
CA SER B 22 21.34 12.99 4.63
C SER B 22 20.35 12.01 3.99
N GLU B 23 20.80 10.78 3.74
CA GLU B 23 19.92 9.70 3.29
C GLU B 23 18.77 9.54 4.26
N TYR B 24 19.09 9.50 5.56
CA TYR B 24 18.10 9.38 6.62
C TYR B 24 17.02 10.45 6.56
N ASP B 25 17.43 11.72 6.46
CA ASP B 25 16.49 12.84 6.37
C ASP B 25 15.56 12.69 5.16
N ILE B 26 16.17 12.40 4.01
CA ILE B 26 15.45 12.33 2.75
C ILE B 26 14.36 11.26 2.77
N VAL B 27 14.64 10.13 3.42
CA VAL B 27 13.71 8.99 3.32
C VAL B 27 12.84 8.74 4.55
N SER B 28 13.08 9.48 5.64
CA SER B 28 12.43 9.20 6.92
C SER B 28 11.51 10.31 7.44
N ARG B 29 11.75 11.54 7.03
CA ARG B 29 11.13 12.68 7.72
C ARG B 29 9.79 13.15 7.20
N LYS B 30 8.86 13.34 8.13
CA LYS B 30 7.57 13.96 7.87
C LYS B 30 6.75 13.19 6.83
N LEU B 31 6.52 11.90 7.10
CA LEU B 31 5.82 11.05 6.15
C LEU B 31 4.38 10.72 6.56
N HIS B 32 4.04 10.89 7.84
CA HIS B 32 2.65 10.68 8.27
C HIS B 32 1.80 11.88 7.86
N TYR B 33 0.97 11.73 6.82
CA TYR B 33 0.05 12.79 6.43
C TYR B 33 -1.18 12.78 7.34
N SER B 34 -1.35 11.69 8.10
CA SER B 34 -2.54 11.51 8.93
C SER B 34 -2.56 12.43 10.13
N THR B 35 -1.48 13.18 10.34
CA THR B 35 -1.44 14.13 11.44
C THR B 35 -1.78 15.55 10.96
N ASN B 36 -1.97 15.72 9.65
CA ASN B 36 -2.19 17.05 9.06
C ASN B 36 -3.54 17.69 9.44
N ASN B 37 -4.59 16.88 9.41
CA ASN B 37 -5.94 17.35 9.67
C ASN B 37 -6.44 16.79 10.99
N PRO B 38 -6.44 17.61 12.05
CA PRO B 38 -6.81 17.16 13.39
C PRO B 38 -8.19 16.53 13.45
N ASP B 39 -9.12 17.05 12.65
N ASP B 39 -9.11 17.04 12.64
CA ASP B 39 -10.49 16.57 12.65
CA ASP B 39 -10.48 16.55 12.65
C ASP B 39 -10.66 15.29 11.84
C ASP B 39 -10.72 15.33 11.77
N SER B 40 -9.79 15.09 10.85
CA SER B 40 -9.87 13.94 9.95
C SER B 40 -8.47 13.37 9.69
N PRO B 41 -7.93 12.59 10.63
CA PRO B 41 -6.62 11.99 10.35
C PRO B 41 -6.61 11.31 8.98
N TRP B 42 -7.61 10.48 8.70
CA TRP B 42 -7.69 9.78 7.42
C TRP B 42 -8.72 10.41 6.50
N GLU B 43 -8.51 10.26 5.20
CA GLU B 43 -9.35 10.90 4.19
C GLU B 43 -10.66 10.12 4.06
N LEU B 44 -11.46 10.15 5.11
CA LEU B 44 -12.74 9.46 5.18
C LEU B 44 -13.73 10.36 5.91
N SER B 45 -14.90 9.81 6.25
CA SER B 45 -15.82 10.54 7.11
C SER B 45 -15.07 10.86 8.40
N PRO B 46 -15.14 12.11 8.86
CA PRO B 46 -14.38 12.52 10.05
C PRO B 46 -14.67 11.65 11.27
N ASP B 47 -15.87 11.07 11.34
CA ASP B 47 -16.23 10.23 12.48
CA ASP B 47 -16.24 10.23 12.48
C ASP B 47 -16.25 8.73 12.11
N SER B 48 -15.50 8.36 11.08
CA SER B 48 -15.36 6.95 10.74
C SER B 48 -14.64 6.28 11.90
N PRO B 49 -14.85 4.98 12.09
CA PRO B 49 -14.29 4.29 13.26
C PRO B 49 -12.79 4.51 13.46
N MET B 50 -11.99 4.38 12.39
CA MET B 50 -10.55 4.55 12.55
C MET B 50 -10.16 6.02 12.77
N ASN B 51 -10.97 6.94 12.26
CA ASN B 51 -10.79 8.36 12.58
C ASN B 51 -11.02 8.64 14.05
N LEU B 52 -12.06 8.04 14.62
CA LEU B 52 -12.32 8.21 16.05
C LEU B 52 -11.18 7.60 16.87
N TRP B 53 -10.68 6.44 16.42
CA TRP B 53 -9.59 5.76 17.13
C TRP B 53 -8.36 6.64 17.20
N TYR B 54 -8.00 7.28 16.09
CA TYR B 54 -6.77 8.07 16.05
C TYR B 54 -6.92 9.40 16.77
N LYS B 55 -8.08 10.03 16.60
CA LYS B 55 -8.36 11.23 17.36
C LYS B 55 -8.25 10.98 18.86
N GLN B 56 -8.75 9.84 19.32
CA GLN B 56 -8.69 9.53 20.75
C GLN B 56 -7.31 9.07 21.23
N TYR B 57 -6.71 8.12 20.50
CA TYR B 57 -5.53 7.44 21.02
C TYR B 57 -4.20 8.03 20.56
N ARG B 58 -4.22 8.83 19.50
CA ARG B 58 -3.02 9.59 19.15
C ARG B 58 -3.16 11.08 19.45
N ASN B 59 -4.11 11.74 18.77
CA ASN B 59 -4.25 13.19 18.88
C ASN B 59 -4.51 13.67 20.32
N ALA B 60 -5.37 12.95 21.05
CA ALA B 60 -5.74 13.35 22.40
C ALA B 60 -4.78 12.87 23.48
N SER B 61 -3.72 12.16 23.10
CA SER B 61 -2.75 11.72 24.11
C SER B 61 -2.30 12.88 25.00
N PRO B 62 -2.15 12.62 26.32
CA PRO B 62 -1.59 13.58 27.28
C PRO B 62 -0.12 13.92 27.01
N LEU B 63 0.59 13.02 26.31
CA LEU B 63 1.96 13.29 25.90
C LEU B 63 1.92 14.18 24.66
N LYS B 64 2.44 15.39 24.78
CA LYS B 64 2.23 16.43 23.77
C LYS B 64 3.51 17.14 23.35
N HIS B 65 3.53 17.59 22.09
CA HIS B 65 4.67 18.31 21.55
C HIS B 65 4.22 18.97 20.25
N ASP B 66 4.72 20.17 19.97
CA ASP B 66 4.26 20.89 18.78
C ASP B 66 5.03 20.52 17.50
N ASN B 67 6.03 19.66 17.64
CA ASN B 67 6.85 19.24 16.50
C ASN B 67 7.48 17.86 16.72
N TRP B 68 6.64 16.83 16.75
CA TRP B 68 7.12 15.46 16.90
C TRP B 68 8.02 15.07 15.74
N ASP B 69 7.74 15.59 14.55
CA ASP B 69 8.50 15.24 13.37
C ASP B 69 9.98 15.58 13.47
N ALA B 70 10.33 16.44 14.43
CA ALA B 70 11.72 16.84 14.61
C ALA B 70 12.53 15.75 15.33
N PHE B 71 11.85 14.78 15.91
CA PHE B 71 12.56 13.65 16.51
C PHE B 71 13.54 13.04 15.52
N THR B 72 14.74 12.70 16.02
CA THR B 72 15.76 12.06 15.19
C THR B 72 16.28 10.79 15.86
N ASP B 73 16.15 9.66 15.17
CA ASP B 73 16.78 8.42 15.63
C ASP B 73 18.29 8.69 15.82
N PRO B 74 18.79 8.56 17.05
CA PRO B 74 20.23 8.81 17.24
C PRO B 74 21.09 7.91 16.36
N ASP B 75 20.56 6.78 15.94
CA ASP B 75 21.34 5.87 15.09
C ASP B 75 21.10 6.16 13.61
N GLN B 76 20.13 7.02 13.33
CA GLN B 76 19.78 7.43 11.96
C GLN B 76 19.70 6.24 10.99
N LEU B 77 19.14 5.15 11.46
CA LEU B 77 18.98 3.96 10.63
C LEU B 77 17.89 4.13 9.59
N VAL B 78 18.18 3.65 8.38
CA VAL B 78 17.18 3.49 7.33
C VAL B 78 17.10 2.00 7.01
N TYR B 79 16.15 1.60 6.18
CA TYR B 79 15.96 0.20 5.86
C TYR B 79 17.27 -0.43 5.36
N ARG B 80 17.90 0.24 4.41
CA ARG B 80 19.14 -0.24 3.81
C ARG B 80 20.28 -0.49 4.82
N THR B 81 20.51 0.47 5.71
CA THR B 81 21.59 0.33 6.67
C THR B 81 21.22 -0.63 7.80
N TYR B 82 19.93 -0.76 8.10
CA TYR B 82 19.51 -1.72 9.11
C TYR B 82 19.83 -3.13 8.62
N ASN B 83 19.55 -3.40 7.36
CA ASN B 83 19.80 -4.73 6.82
C ASN B 83 21.28 -5.04 6.68
N LEU B 84 22.08 -4.03 6.34
CA LEU B 84 23.53 -4.22 6.33
C LEU B 84 24.01 -4.58 7.72
N MET B 85 23.56 -3.83 8.72
CA MET B 85 23.96 -4.07 10.10
C MET B 85 23.51 -5.46 10.57
N GLN B 86 22.23 -5.75 10.42
CA GLN B 86 21.68 -6.99 10.94
C GLN B 86 22.13 -8.22 10.16
N ASP B 87 22.41 -8.08 8.87
CA ASP B 87 22.94 -9.23 8.14
C ASP B 87 24.29 -9.60 8.76
N GLY B 88 25.07 -8.59 9.14
CA GLY B 88 26.34 -8.85 9.82
C GLY B 88 26.16 -9.58 11.15
N GLN B 89 25.28 -9.05 11.99
CA GLN B 89 25.04 -9.64 13.31
C GLN B 89 24.37 -11.01 13.24
N GLU B 90 23.39 -11.16 12.34
CA GLU B 90 22.66 -12.42 12.24
C GLU B 90 23.49 -13.49 11.56
N SER B 91 24.30 -13.06 10.59
CA SER B 91 25.23 -13.98 9.96
C SER B 91 26.21 -14.55 10.98
N TYR B 92 26.70 -13.70 11.88
CA TYR B 92 27.58 -14.08 12.98
C TYR B 92 26.87 -15.04 13.95
N VAL B 93 25.64 -14.74 14.32
CA VAL B 93 24.88 -15.64 15.18
C VAL B 93 24.65 -16.99 14.50
N GLN B 94 24.28 -16.98 13.23
CA GLN B 94 24.07 -18.23 12.51
C GLN B 94 25.35 -19.06 12.43
N SER B 95 26.49 -18.38 12.35
CA SER B 95 27.79 -19.06 12.33
C SER B 95 28.12 -19.66 13.69
N LEU B 96 27.71 -19.00 14.77
CA LEU B 96 27.87 -19.55 16.11
C LEU B 96 27.00 -20.81 16.25
N PHE B 97 25.75 -20.73 15.82
CA PHE B 97 24.90 -21.91 15.86
C PHE B 97 25.62 -23.07 15.16
N ASP B 98 26.11 -22.83 13.95
CA ASP B 98 26.71 -23.86 13.13
C ASP B 98 27.92 -24.48 13.81
N GLN B 99 28.88 -23.65 14.22
CA GLN B 99 30.11 -24.13 14.87
C GLN B 99 29.87 -24.82 16.21
N PHE B 100 28.97 -24.26 17.02
CA PHE B 100 28.70 -24.85 18.33
C PHE B 100 28.01 -26.20 18.17
N ASN B 101 27.16 -26.31 17.16
CA ASN B 101 26.57 -27.59 16.83
C ASN B 101 27.61 -28.62 16.37
N GLU B 102 28.60 -28.18 15.59
CA GLU B 102 29.67 -29.09 15.16
C GLU B 102 30.39 -29.67 16.37
N ARG B 103 30.61 -28.83 17.38
CA ARG B 103 31.32 -29.22 18.59
C ARG B 103 30.41 -29.89 19.61
N GLU B 104 29.18 -30.20 19.20
CA GLU B 104 28.23 -30.86 20.11
C GLU B 104 28.14 -30.15 21.46
N HIS B 105 28.18 -28.82 21.43
CA HIS B 105 28.05 -27.98 22.61
C HIS B 105 26.95 -28.43 23.58
N ASP B 106 25.77 -28.71 23.05
CA ASP B 106 24.60 -29.04 23.86
C ASP B 106 24.78 -30.30 24.73
N GLN B 107 25.59 -31.25 24.27
CA GLN B 107 25.84 -32.47 25.06
C GLN B 107 26.70 -32.15 26.29
N MET B 108 27.40 -31.03 26.24
CA MET B 108 28.39 -30.71 27.27
CA MET B 108 28.40 -30.69 27.26
C MET B 108 27.85 -29.82 28.40
N VAL B 109 26.61 -29.38 28.28
CA VAL B 109 26.03 -28.54 29.32
C VAL B 109 25.91 -29.33 30.63
N ARG B 110 25.85 -28.63 31.75
CA ARG B 110 25.71 -29.27 33.05
C ARG B 110 24.41 -30.08 33.16
N GLU B 111 24.48 -31.21 33.87
CA GLU B 111 23.33 -32.07 34.07
C GLU B 111 22.06 -31.28 34.44
N GLY B 112 20.98 -31.52 33.71
CA GLY B 112 19.69 -30.93 34.02
C GLY B 112 19.42 -29.54 33.46
N TRP B 113 20.45 -28.93 32.88
CA TRP B 113 20.29 -27.60 32.29
C TRP B 113 19.21 -27.56 31.20
N GLU B 114 19.02 -28.67 30.50
CA GLU B 114 17.96 -28.75 29.51
C GLU B 114 16.58 -28.49 30.13
N HIS B 115 16.42 -28.92 31.39
CA HIS B 115 15.15 -28.70 32.10
C HIS B 115 14.97 -27.23 32.44
N THR B 116 16.04 -26.58 32.86
CA THR B 116 15.98 -25.15 33.11
C THR B 116 15.72 -24.35 31.84
N MET B 117 16.36 -24.74 30.73
CA MET B 117 16.08 -24.13 29.43
C MET B 117 14.61 -24.32 29.03
N ALA B 118 14.11 -25.54 29.18
CA ALA B 118 12.72 -25.85 28.80
C ALA B 118 11.71 -25.01 29.57
N ARG B 119 12.06 -24.69 30.82
CA ARG B 119 11.16 -23.98 31.73
C ARG B 119 11.29 -22.47 31.60
N CYS B 120 12.53 -22.00 31.49
CA CYS B 120 12.84 -20.58 31.61
C CYS B 120 13.32 -19.90 30.33
N TYR B 121 13.61 -20.69 29.30
CA TYR B 121 14.13 -20.13 28.06
C TYR B 121 13.14 -20.24 26.90
N SER B 122 12.71 -21.46 26.60
CA SER B 122 11.94 -21.68 25.39
C SER B 122 10.58 -20.95 25.34
N PRO B 123 9.94 -20.74 26.52
CA PRO B 123 8.67 -20.00 26.51
C PRO B 123 8.86 -18.51 26.26
N LEU B 124 10.11 -18.07 26.20
CA LEU B 124 10.40 -16.68 25.86
C LEU B 124 9.85 -16.28 24.49
N ARG B 125 9.55 -17.27 23.66
CA ARG B 125 9.04 -16.98 22.33
C ARG B 125 7.70 -16.25 22.42
N TYR B 126 6.92 -16.57 23.45
CA TYR B 126 5.67 -15.85 23.70
C TYR B 126 5.95 -14.40 24.12
N LEU B 127 6.89 -14.23 25.03
CA LEU B 127 7.25 -12.89 25.51
C LEU B 127 7.79 -12.02 24.39
N PHE B 128 8.70 -12.56 23.59
CA PHE B 128 9.27 -11.80 22.48
C PHE B 128 8.19 -11.49 21.42
N HIS B 129 7.28 -12.43 21.19
CA HIS B 129 6.21 -12.14 20.25
C HIS B 129 5.29 -11.01 20.77
N CYS B 130 5.05 -10.99 22.08
CA CYS B 130 4.34 -9.88 22.71
C CYS B 130 5.03 -8.53 22.47
N LEU B 131 6.36 -8.52 22.53
CA LEU B 131 7.12 -7.29 22.28
C LEU B 131 7.01 -6.88 20.80
N GLN B 132 6.97 -7.89 19.94
CA GLN B 132 6.78 -7.72 18.51
C GLN B 132 5.43 -7.09 18.20
N MET B 133 4.36 -7.69 18.73
CA MET B 133 3.01 -7.15 18.58
C MET B 133 2.92 -5.72 19.12
N SER B 134 3.48 -5.50 20.31
CA SER B 134 3.45 -4.19 20.95
C SER B 134 4.25 -3.13 20.18
N SER B 135 5.43 -3.51 19.72
CA SER B 135 6.23 -2.60 18.89
C SER B 135 5.45 -2.20 17.65
N ALA B 136 4.73 -3.16 17.08
CA ALA B 136 3.91 -2.89 15.89
C ALA B 136 2.81 -1.89 16.21
N TYR B 137 2.25 -1.99 17.41
CA TYR B 137 1.20 -1.05 17.80
C TYR B 137 1.74 0.38 17.89
N VAL B 138 2.85 0.56 18.60
CA VAL B 138 3.42 1.91 18.71
C VAL B 138 3.76 2.49 17.33
N GLN B 139 4.25 1.63 16.43
CA GLN B 139 4.54 2.04 15.05
C GLN B 139 3.35 2.72 14.40
N GLN B 140 2.20 2.04 14.44
CA GLN B 140 1.03 2.53 13.71
C GLN B 140 0.37 3.73 14.38
N MET B 141 0.60 3.92 15.67
CA MET B 141 0.00 5.04 16.40
C MET B 141 0.90 6.27 16.57
N ALA B 142 2.22 6.08 16.48
CA ALA B 142 3.17 7.18 16.73
C ALA B 142 2.93 8.40 15.81
N PRO B 143 3.03 9.61 16.38
CA PRO B 143 2.68 10.83 15.65
C PRO B 143 3.78 11.39 14.73
N ALA B 144 4.89 10.68 14.59
CA ALA B 144 5.90 11.08 13.63
C ALA B 144 6.53 9.85 12.96
N SER B 145 6.79 9.94 11.65
CA SER B 145 7.41 8.82 10.91
C SER B 145 8.79 8.44 11.43
N THR B 146 9.57 9.42 11.88
CA THR B 146 10.89 9.11 12.46
C THR B 146 10.73 8.30 13.74
N ILE B 147 9.65 8.54 14.48
CA ILE B 147 9.35 7.68 15.62
C ILE B 147 8.91 6.29 15.15
N SER B 148 7.96 6.26 14.23
CA SER B 148 7.43 4.99 13.71
C SER B 148 8.53 4.09 13.10
N ASN B 149 9.50 4.70 12.43
CA ASN B 149 10.60 3.93 11.84
C ASN B 149 11.41 3.16 12.89
N CYS B 150 11.72 3.80 14.01
CA CYS B 150 12.37 3.11 15.12
C CYS B 150 11.54 1.92 15.59
N CYS B 151 10.22 2.12 15.64
CA CYS B 151 9.30 1.04 16.03
C CYS B 151 9.25 -0.12 15.01
N ILE B 152 9.34 0.21 13.73
CA ILE B 152 9.35 -0.84 12.69
C ILE B 152 10.58 -1.75 12.88
N LEU B 153 11.73 -1.12 13.06
CA LEU B 153 12.97 -1.86 13.20
C LEU B 153 12.95 -2.64 14.50
N GLN B 154 12.35 -2.05 15.53
CA GLN B 154 12.20 -2.70 16.81
C GLN B 154 11.29 -3.93 16.71
N THR B 155 10.24 -3.83 15.89
CA THR B 155 9.32 -4.95 15.66
C THR B 155 10.06 -6.10 15.00
N ALA B 156 10.90 -5.76 14.03
CA ALA B 156 11.68 -6.78 13.31
C ALA B 156 12.71 -7.43 14.24
N ASP B 157 13.31 -6.63 15.12
CA ASP B 157 14.26 -7.15 16.11
C ASP B 157 13.58 -8.14 17.08
N SER B 158 12.33 -7.84 17.44
CA SER B 158 11.59 -8.72 18.33
C SER B 158 11.37 -10.07 17.66
N LEU B 159 11.08 -10.05 16.37
CA LEU B 159 10.89 -11.27 15.61
C LEU B 159 12.22 -12.01 15.49
N ARG B 160 13.31 -11.25 15.40
CA ARG B 160 14.64 -11.84 15.35
C ARG B 160 14.87 -12.70 16.59
N TRP B 161 14.57 -12.12 17.76
CA TRP B 161 14.78 -12.81 19.03
C TRP B 161 13.87 -14.01 19.14
N LEU B 162 12.63 -13.83 18.70
CA LEU B 162 11.66 -14.92 18.68
C LEU B 162 12.20 -16.08 17.85
N THR B 163 12.80 -15.76 16.71
CA THR B 163 13.30 -16.79 15.81
C THR B 163 14.54 -17.48 16.37
N HIS B 164 15.44 -16.72 16.98
CA HIS B 164 16.56 -17.31 17.70
C HIS B 164 16.03 -18.35 18.65
N THR B 165 15.01 -17.97 19.40
CA THR B 165 14.49 -18.81 20.47
C THR B 165 13.87 -20.07 19.91
N ALA B 166 13.13 -19.93 18.81
CA ALA B 166 12.52 -21.07 18.14
C ALA B 166 13.59 -22.04 17.63
N TYR B 167 14.62 -21.49 16.99
CA TYR B 167 15.65 -22.33 16.40
C TYR B 167 16.34 -23.15 17.50
N ARG B 168 16.76 -22.45 18.55
CA ARG B 168 17.47 -23.08 19.66
C ARG B 168 16.62 -24.07 20.47
N THR B 169 15.33 -23.80 20.60
CA THR B 169 14.40 -24.73 21.24
C THR B 169 14.36 -26.05 20.48
N HIS B 170 14.15 -25.97 19.17
CA HIS B 170 14.18 -27.17 18.36
C HIS B 170 15.54 -27.87 18.45
N GLU B 171 16.62 -27.12 18.25
CA GLU B 171 17.94 -27.73 18.25
C GLU B 171 18.22 -28.47 19.55
N LEU B 172 17.93 -27.81 20.66
CA LEU B 172 18.15 -28.40 21.96
C LEU B 172 17.36 -29.70 22.13
N SER B 173 16.14 -29.73 21.60
CA SER B 173 15.29 -30.92 21.73
C SER B 173 15.85 -32.14 21.00
N LEU B 174 16.75 -31.91 20.05
CA LEU B 174 17.38 -33.01 19.31
C LEU B 174 18.36 -33.77 20.21
N THR B 175 19.00 -33.05 21.11
CA THR B 175 19.92 -33.65 22.06
C THR B 175 19.14 -34.08 23.31
N TYR B 176 18.06 -33.37 23.61
CA TYR B 176 17.24 -33.67 24.79
C TYR B 176 15.77 -33.81 24.43
N PRO B 177 15.39 -34.99 23.94
CA PRO B 177 14.03 -35.26 23.49
C PRO B 177 12.98 -35.44 24.60
N ASP B 178 13.42 -35.52 25.86
CA ASP B 178 12.50 -35.84 26.95
C ASP B 178 12.41 -34.74 28.01
N ALA B 179 12.35 -33.49 27.56
CA ALA B 179 12.30 -32.34 28.46
C ALA B 179 11.13 -31.41 28.13
N GLY B 180 10.32 -31.81 27.14
CA GLY B 180 9.19 -31.00 26.71
C GLY B 180 9.58 -29.85 25.78
N LEU B 181 10.83 -29.84 25.33
CA LEU B 181 11.33 -28.77 24.46
C LEU B 181 10.59 -28.74 23.13
N GLY B 182 9.91 -27.63 22.87
CA GLY B 182 9.10 -27.47 21.66
C GLY B 182 7.67 -28.01 21.80
N GLU B 183 7.35 -28.50 23.00
CA GLU B 183 6.07 -29.19 23.21
C GLU B 183 5.17 -28.53 24.26
N HIS B 184 5.80 -27.93 25.26
N HIS B 184 5.74 -27.97 25.31
CA HIS B 184 5.14 -27.59 26.51
CA HIS B 184 4.91 -27.52 26.42
C HIS B 184 5.23 -26.09 26.86
C HIS B 184 4.97 -26.02 26.72
N GLU B 185 5.74 -25.28 25.95
CA GLU B 185 5.91 -23.83 26.20
C GLU B 185 4.60 -23.06 26.40
N ARG B 186 3.56 -23.40 25.64
CA ARG B 186 2.29 -22.70 25.76
C ARG B 186 1.69 -22.92 27.14
N GLU B 187 1.67 -24.16 27.60
CA GLU B 187 1.17 -24.49 28.93
C GLU B 187 1.94 -23.75 30.00
N LEU B 188 3.26 -23.64 29.82
CA LEU B 188 4.10 -22.94 30.79
C LEU B 188 3.80 -21.45 30.80
N TRP B 189 3.59 -20.89 29.60
CA TRP B 189 3.26 -19.46 29.48
C TRP B 189 1.91 -19.18 30.14
N GLU B 190 0.96 -20.10 29.97
CA GLU B 190 -0.38 -19.94 30.53
C GLU B 190 -0.47 -20.27 32.03
N LYS B 191 0.18 -21.36 32.46
CA LYS B 191 -0.04 -21.92 33.81
C LYS B 191 1.11 -21.80 34.83
N GLU B 192 2.36 -21.89 34.36
CA GLU B 192 3.50 -21.82 35.29
C GLU B 192 3.56 -20.46 35.98
N PRO B 193 3.68 -20.46 37.32
CA PRO B 193 3.68 -19.23 38.12
C PRO B 193 4.76 -18.25 37.74
N GLY B 194 5.94 -18.74 37.37
CA GLY B 194 7.07 -17.87 37.02
C GLY B 194 6.83 -17.05 35.76
N TRP B 195 5.88 -17.48 34.93
CA TRP B 195 5.55 -16.78 33.69
C TRP B 195 4.33 -15.88 33.85
N GLN B 196 3.60 -16.05 34.95
CA GLN B 196 2.32 -15.38 35.11
C GLN B 196 2.45 -13.88 35.31
N GLY B 197 3.51 -13.44 35.97
CA GLY B 197 3.78 -12.01 36.12
C GLY B 197 4.05 -11.35 34.77
N LEU B 198 4.86 -12.03 33.95
CA LEU B 198 5.17 -11.53 32.61
C LEU B 198 3.92 -11.50 31.74
N ARG B 199 3.14 -12.58 31.78
CA ARG B 199 1.97 -12.67 30.91
C ARG B 199 0.90 -11.65 31.28
N GLU B 200 0.75 -11.37 32.58
CA GLU B 200 -0.23 -10.39 33.00
C GLU B 200 0.19 -9.00 32.56
N LEU B 201 1.50 -8.73 32.66
CA LEU B 201 2.07 -7.46 32.27
C LEU B 201 1.86 -7.19 30.77
N MET B 202 2.15 -8.19 29.94
CA MET B 202 2.01 -8.02 28.49
C MET B 202 0.55 -7.93 28.04
N GLU B 203 -0.32 -8.77 28.59
CA GLU B 203 -1.73 -8.73 28.22
C GLU B 203 -2.33 -7.37 28.50
N LYS B 204 -1.95 -6.78 29.63
CA LYS B 204 -2.40 -5.44 29.98
C LYS B 204 -1.72 -4.34 29.15
N GLN B 205 -0.40 -4.44 28.97
CA GLN B 205 0.34 -3.49 28.15
C GLN B 205 -0.21 -3.45 26.72
N LEU B 206 -0.59 -4.63 26.20
CA LEU B 206 -1.09 -4.71 24.82
C LEU B 206 -2.48 -4.10 24.69
N THR B 207 -3.08 -3.71 25.82
CA THR B 207 -4.38 -3.07 25.78
C THR B 207 -4.29 -1.63 26.26
N ALA B 208 -3.06 -1.12 26.37
CA ALA B 208 -2.85 0.31 26.59
C ALA B 208 -2.81 0.98 25.21
N PHE B 209 -3.93 1.54 24.79
CA PHE B 209 -4.06 2.00 23.40
C PHE B 209 -3.60 3.43 23.12
N ASP B 210 -3.39 4.23 24.17
CA ASP B 210 -2.83 5.56 23.99
C ASP B 210 -1.38 5.43 23.50
N TRP B 211 -1.03 6.15 22.45
CA TRP B 211 0.30 5.98 21.84
C TRP B 211 1.40 6.29 22.83
N GLY B 212 1.22 7.37 23.60
CA GLY B 212 2.18 7.77 24.63
C GLY B 212 2.36 6.75 25.74
N GLU B 213 1.24 6.25 26.27
CA GLU B 213 1.31 5.22 27.31
C GLU B 213 1.83 3.89 26.76
N ALA B 214 1.45 3.57 25.53
CA ALA B 214 2.01 2.40 24.86
C ALA B 214 3.53 2.52 24.78
N PHE B 215 4.01 3.66 24.27
CA PHE B 215 5.45 3.87 24.19
C PHE B 215 6.17 3.77 25.55
N VAL B 216 5.66 4.47 26.55
CA VAL B 216 6.32 4.54 27.84
C VAL B 216 6.34 3.19 28.52
N SER B 217 5.20 2.52 28.53
CA SER B 217 5.11 1.22 29.16
C SER B 217 5.98 0.18 28.45
N LEU B 218 5.89 0.10 27.13
CA LEU B 218 6.72 -0.86 26.38
C LEU B 218 8.22 -0.57 26.52
N ASN B 219 8.63 0.63 26.12
CA ASN B 219 10.06 0.91 25.99
C ASN B 219 10.78 1.43 27.23
N LEU B 220 10.04 2.05 28.15
CA LEU B 220 10.68 2.65 29.33
C LEU B 220 10.54 1.80 30.57
N VAL B 221 9.58 0.88 30.55
CA VAL B 221 9.30 0.02 31.70
C VAL B 221 9.57 -1.45 31.38
N VAL B 222 8.83 -1.98 30.43
CA VAL B 222 8.90 -3.41 30.11
C VAL B 222 10.27 -3.83 29.58
N LYS B 223 10.74 -3.15 28.55
CA LYS B 223 11.93 -3.64 27.85
C LYS B 223 13.22 -3.56 28.68
N PRO B 224 13.39 -2.46 29.45
CA PRO B 224 14.55 -2.37 30.34
C PRO B 224 14.50 -3.43 31.45
N MET B 225 13.29 -3.79 31.86
CA MET B 225 13.08 -4.84 32.84
C MET B 225 13.49 -6.21 32.28
N ILE B 226 13.19 -6.44 31.01
CA ILE B 226 13.62 -7.66 30.35
C ILE B 226 15.15 -7.75 30.22
N VAL B 227 15.80 -6.60 30.00
CA VAL B 227 17.26 -6.57 29.95
C VAL B 227 17.89 -6.89 31.31
N GLU B 228 17.44 -6.23 32.36
CA GLU B 228 18.06 -6.39 33.68
C GLU B 228 17.66 -7.67 34.40
N SER B 229 16.44 -8.15 34.18
CA SER B 229 15.93 -9.26 34.99
C SER B 229 15.72 -10.57 34.24
N ILE B 230 15.91 -10.56 32.92
CA ILE B 230 15.78 -11.79 32.14
C ILE B 230 17.04 -12.11 31.34
N PHE B 231 17.44 -11.19 30.47
CA PHE B 231 18.63 -11.40 29.64
C PHE B 231 19.87 -11.61 30.49
N LYS B 232 20.13 -10.68 31.41
CA LYS B 232 21.37 -10.74 32.15
C LYS B 232 21.46 -11.94 33.10
N PRO B 233 20.38 -12.19 33.87
CA PRO B 233 20.38 -13.37 34.76
C PRO B 233 20.51 -14.70 33.99
N LEU B 234 19.93 -14.78 32.79
CA LEU B 234 20.10 -15.98 31.97
C LEU B 234 21.57 -16.21 31.61
N GLN B 235 22.30 -15.15 31.32
CA GLN B 235 23.71 -15.26 30.96
C GLN B 235 24.49 -15.79 32.16
N GLN B 236 24.19 -15.25 33.33
CA GLN B 236 24.80 -15.68 34.57
C GLN B 236 24.56 -17.17 34.83
N GLN B 237 23.31 -17.60 34.71
CA GLN B 237 22.95 -19.00 34.90
C GLN B 237 23.62 -19.93 33.87
N ALA B 238 23.72 -19.45 32.64
CA ALA B 238 24.36 -20.23 31.58
C ALA B 238 25.82 -20.49 31.91
N TRP B 239 26.51 -19.45 32.39
CA TRP B 239 27.90 -19.57 32.78
C TRP B 239 28.09 -20.64 33.84
N GLU B 240 27.18 -20.68 34.80
CA GLU B 240 27.32 -21.62 35.91
C GLU B 240 26.95 -23.03 35.47
N ASN B 241 26.30 -23.15 34.32
CA ASN B 241 25.86 -24.46 33.85
C ASN B 241 26.54 -24.90 32.56
N ASN B 242 27.68 -24.28 32.27
CA ASN B 242 28.51 -24.65 31.12
C ASN B 242 27.80 -24.53 29.78
N ASP B 243 26.94 -23.52 29.67
CA ASP B 243 26.31 -23.18 28.40
C ASP B 243 27.06 -21.95 27.93
N THR B 244 27.96 -22.13 26.98
CA THR B 244 28.78 -21.02 26.50
C THR B 244 28.19 -20.40 25.25
N LEU B 245 27.17 -21.02 24.66
CA LEU B 245 26.48 -20.47 23.49
C LEU B 245 25.51 -19.34 23.88
N LEU B 246 24.66 -19.61 24.86
CA LEU B 246 23.63 -18.67 25.28
C LEU B 246 24.17 -17.27 25.66
N PRO B 247 25.27 -17.21 26.41
CA PRO B 247 25.77 -15.86 26.71
C PRO B 247 26.13 -15.05 25.46
N LEU B 248 26.72 -15.69 24.47
CA LEU B 248 27.07 -15.03 23.21
C LEU B 248 25.84 -14.63 22.42
N LEU B 249 24.87 -15.53 22.34
CA LEU B 249 23.58 -15.22 21.71
C LEU B 249 22.92 -14.00 22.37
N ILE B 250 22.83 -14.02 23.70
CA ILE B 250 22.18 -12.91 24.42
C ILE B 250 22.93 -11.59 24.23
N ASP B 251 24.26 -11.66 24.13
CA ASP B 251 25.05 -10.46 23.85
C ASP B 251 24.66 -9.82 22.52
N SER B 252 24.36 -10.64 21.51
CA SER B 252 23.89 -10.09 20.23
C SER B 252 22.51 -9.46 20.39
N GLN B 253 21.63 -10.13 21.12
CA GLN B 253 20.30 -9.60 21.38
C GLN B 253 20.38 -8.32 22.19
N LEU B 254 21.33 -8.27 23.12
CA LEU B 254 21.50 -7.08 23.97
C LEU B 254 21.92 -5.87 23.17
N LYS B 255 22.59 -6.10 22.03
CA LYS B 255 22.93 -5.00 21.13
C LYS B 255 21.65 -4.36 20.57
N ASP B 256 20.70 -5.18 20.17
CA ASP B 256 19.40 -4.70 19.70
C ASP B 256 18.71 -3.94 20.85
N ALA B 257 18.68 -4.56 22.03
CA ALA B 257 17.97 -3.97 23.17
C ALA B 257 18.53 -2.61 23.52
N GLU B 258 19.85 -2.49 23.49
CA GLU B 258 20.50 -1.23 23.84
C GLU B 258 20.18 -0.17 22.77
N ARG B 259 20.02 -0.60 21.52
CA ARG B 259 19.62 0.31 20.46
C ARG B 259 18.19 0.82 20.70
N HIS B 260 17.30 -0.07 21.11
CA HIS B 260 15.94 0.35 21.45
C HIS B 260 15.97 1.35 22.59
N SER B 261 16.83 1.10 23.56
CA SER B 261 17.00 2.04 24.66
C SER B 261 17.45 3.40 24.13
N ARG B 262 18.39 3.41 23.17
CA ARG B 262 18.92 4.66 22.64
C ARG B 262 17.87 5.54 21.96
N TRP B 263 17.02 4.96 21.12
CA TRP B 263 16.03 5.80 20.49
C TRP B 263 14.95 6.24 21.48
N SER B 264 14.62 5.35 22.41
CA SER B 264 13.67 5.63 23.49
C SER B 264 14.08 6.82 24.34
N LYS B 265 15.34 6.82 24.76
CA LYS B 265 15.87 7.93 25.56
C LYS B 265 15.90 9.20 24.73
N ALA B 266 16.20 9.05 23.44
CA ALA B 266 16.19 10.19 22.53
C ALA B 266 14.79 10.80 22.39
N LEU B 267 13.76 9.95 22.38
CA LEU B 267 12.41 10.47 22.25
C LEU B 267 11.99 11.18 23.53
N VAL B 268 12.31 10.56 24.67
CA VAL B 268 12.04 11.18 25.97
C VAL B 268 12.61 12.59 26.02
N LYS B 269 13.86 12.74 25.59
CA LYS B 269 14.58 14.00 25.60
C LYS B 269 13.85 15.03 24.74
N HIS B 270 13.37 14.57 23.59
CA HIS B 270 12.62 15.42 22.69
C HIS B 270 11.29 15.80 23.34
N ALA B 271 10.68 14.85 24.04
CA ALA B 271 9.37 15.07 24.67
C ALA B 271 9.46 16.01 25.87
N LEU B 272 10.59 15.98 26.57
CA LEU B 272 10.78 16.80 27.77
C LEU B 272 10.99 18.27 27.46
N GLU B 273 11.20 18.60 26.18
CA GLU B 273 11.23 20.00 25.76
C GLU B 273 9.92 20.67 26.14
N ASN B 274 8.88 19.85 26.32
CA ASN B 274 7.62 20.32 26.90
C ASN B 274 7.58 19.93 28.37
N PRO B 275 7.65 20.92 29.27
CA PRO B 275 7.71 20.70 30.72
C PRO B 275 6.55 19.85 31.22
N ASP B 276 5.37 20.00 30.64
CA ASP B 276 4.22 19.23 31.08
C ASP B 276 4.48 17.73 30.99
N ASN B 277 5.35 17.35 30.05
CA ASN B 277 5.55 15.93 29.77
C ASN B 277 6.23 15.14 30.89
N HIS B 278 7.07 15.81 31.66
CA HIS B 278 7.76 15.16 32.77
C HIS B 278 6.78 14.42 33.68
N ALA B 279 5.70 15.10 34.08
CA ALA B 279 4.71 14.50 34.98
C ALA B 279 3.94 13.38 34.27
N VAL B 280 3.65 13.58 32.99
CA VAL B 280 2.93 12.58 32.22
C VAL B 280 3.73 11.27 32.12
N ILE B 281 5.03 11.39 31.82
CA ILE B 281 5.90 10.21 31.70
C ILE B 281 6.13 9.51 33.04
N GLU B 282 6.44 10.28 34.09
CA GLU B 282 6.62 9.73 35.44
C GLU B 282 5.39 8.95 35.90
N GLY B 283 4.21 9.54 35.70
CA GLY B 283 2.96 8.91 36.10
C GLY B 283 2.71 7.59 35.40
N TRP B 284 3.07 7.50 34.12
CA TRP B 284 2.93 6.23 33.42
C TRP B 284 3.96 5.23 33.91
N ILE B 285 5.19 5.68 34.12
CA ILE B 285 6.23 4.83 34.67
C ILE B 285 5.80 4.29 36.03
N GLU B 286 5.31 5.18 36.90
CA GLU B 286 4.87 4.80 38.24
C GLU B 286 3.72 3.81 38.15
N LYS B 287 2.84 4.04 37.18
CA LYS B 287 1.68 3.19 37.02
C LYS B 287 2.07 1.77 36.60
N TRP B 288 3.07 1.65 35.74
CA TRP B 288 3.44 0.34 35.17
C TRP B 288 4.55 -0.39 35.93
N ARG B 289 5.36 0.36 36.68
CA ARG B 289 6.50 -0.22 37.37
C ARG B 289 6.14 -1.41 38.30
N PRO B 290 5.08 -1.25 39.11
CA PRO B 290 4.67 -2.35 39.97
C PRO B 290 4.54 -3.67 39.22
N LEU B 291 3.76 -3.68 38.14
CA LEU B 291 3.55 -4.90 37.35
C LEU B 291 4.85 -5.46 36.79
N ALA B 292 5.75 -4.56 36.38
CA ALA B 292 7.04 -4.97 35.85
C ALA B 292 7.85 -5.68 36.93
N ASP B 293 7.97 -5.04 38.09
CA ASP B 293 8.70 -5.60 39.22
C ASP B 293 8.17 -6.97 39.62
N ARG B 294 6.85 -7.09 39.72
CA ARG B 294 6.23 -8.38 40.01
C ARG B 294 6.54 -9.43 38.94
N ALA B 295 6.60 -9.00 37.68
CA ALA B 295 6.95 -9.91 36.58
C ALA B 295 8.36 -10.43 36.75
N ALA B 296 9.29 -9.52 37.03
CA ALA B 296 10.70 -9.86 37.21
C ALA B 296 10.90 -10.80 38.40
N GLU B 297 10.25 -10.50 39.52
CA GLU B 297 10.39 -11.30 40.72
C GLU B 297 9.92 -12.73 40.51
N ALA B 298 8.74 -12.90 39.91
CA ALA B 298 8.24 -14.25 39.66
C ALA B 298 9.19 -15.00 38.75
N TYR B 299 9.74 -14.31 37.75
CA TYR B 299 10.62 -14.97 36.80
C TYR B 299 11.93 -15.40 37.46
N LEU B 300 12.55 -14.47 38.19
CA LEU B 300 13.82 -14.76 38.84
C LEU B 300 13.75 -15.93 39.84
N SER B 301 12.67 -16.02 40.61
CA SER B 301 12.54 -17.13 41.56
C SER B 301 12.28 -18.47 40.87
N MET B 302 11.55 -18.46 39.76
CA MET B 302 11.43 -19.66 38.95
C MET B 302 12.79 -20.08 38.38
N LEU B 303 13.62 -19.09 38.04
CA LEU B 303 14.93 -19.35 37.45
C LEU B 303 15.94 -19.91 38.46
N SER B 304 15.89 -19.41 39.70
CA SER B 304 16.90 -19.76 40.69
C SER B 304 16.53 -21.00 41.50
N SER B 305 15.41 -21.62 41.16
CA SER B 305 14.97 -22.82 41.85
C SER B 305 15.20 -24.06 40.98
N SER C 1 -29.51 34.28 -5.22
CA SER C 1 -30.05 33.67 -6.48
C SER C 1 -28.99 32.86 -7.24
N ALA C 2 -27.76 32.86 -6.74
CA ALA C 2 -26.73 31.96 -7.24
C ALA C 2 -27.20 30.53 -7.01
N PHE C 3 -27.22 29.73 -8.08
CA PHE C 3 -27.82 28.42 -8.04
C PHE C 3 -26.89 27.40 -8.70
N PRO C 4 -26.18 26.60 -7.90
CA PRO C 4 -25.29 25.57 -8.46
C PRO C 4 -26.03 24.34 -8.95
N VAL C 5 -25.71 23.89 -10.15
CA VAL C 5 -26.19 22.60 -10.66
C VAL C 5 -25.03 21.83 -11.28
N HIS C 6 -25.21 20.53 -11.45
CA HIS C 6 -24.26 19.72 -12.20
C HIS C 6 -24.91 19.38 -13.53
N ALA C 7 -24.20 19.62 -14.63
CA ALA C 7 -24.81 19.57 -15.95
C ALA C 7 -24.02 18.72 -16.92
N ALA C 8 -24.71 17.82 -17.61
CA ALA C 8 -24.09 17.05 -18.68
C ALA C 8 -24.55 17.58 -20.03
N PHE C 9 -23.61 17.98 -20.87
CA PHE C 9 -23.96 18.47 -22.20
C PHE C 9 -23.88 17.37 -23.27
N GLU C 10 -24.87 17.34 -24.15
CA GLU C 10 -24.93 16.33 -25.22
C GLU C 10 -23.62 16.20 -26.01
N LYS C 11 -23.06 14.99 -25.98
CA LYS C 11 -21.85 14.64 -26.73
C LYS C 11 -20.53 14.98 -26.02
N ASP C 12 -20.61 15.64 -24.87
CA ASP C 12 -19.43 15.92 -24.04
C ASP C 12 -19.05 14.64 -23.30
N PHE C 13 -17.96 14.69 -22.53
CA PHE C 13 -17.45 13.48 -21.87
C PHE C 13 -17.66 13.48 -20.35
N LEU C 14 -18.09 14.60 -19.78
CA LEU C 14 -18.23 14.70 -18.34
C LEU C 14 -19.43 15.55 -17.90
N VAL C 15 -19.65 15.55 -16.59
CA VAL C 15 -20.61 16.46 -15.96
C VAL C 15 -19.81 17.55 -15.24
N GLN C 16 -20.25 18.80 -15.38
CA GLN C 16 -19.54 19.92 -14.77
C GLN C 16 -20.42 20.72 -13.82
N LEU C 17 -19.76 21.43 -12.91
CA LEU C 17 -20.43 22.40 -12.08
C LEU C 17 -20.67 23.67 -12.88
N VAL C 18 -21.93 24.04 -13.05
CA VAL C 18 -22.27 25.34 -13.64
C VAL C 18 -23.15 26.12 -12.66
N VAL C 19 -22.75 27.32 -12.32
CA VAL C 19 -23.54 28.14 -11.40
C VAL C 19 -24.49 29.03 -12.19
N VAL C 20 -25.78 28.69 -12.17
CA VAL C 20 -26.79 29.50 -12.85
C VAL C 20 -27.54 30.40 -11.86
N ASP C 21 -28.57 31.10 -12.34
CA ASP C 21 -29.34 32.00 -11.51
C ASP C 21 -30.74 31.46 -11.23
N LEU C 22 -31.23 31.69 -10.02
CA LEU C 22 -32.57 31.27 -9.62
C LEU C 22 -33.64 31.73 -10.63
N ASN C 23 -33.39 32.87 -11.26
CA ASN C 23 -34.37 33.47 -12.16
C ASN C 23 -34.03 33.33 -13.66
N ASP C 24 -33.11 32.42 -13.96
CA ASP C 24 -32.79 32.08 -15.34
C ASP C 24 -33.89 31.21 -15.93
N SER C 25 -34.11 31.37 -17.24
CA SER C 25 -35.00 30.47 -17.96
C SER C 25 -34.20 29.28 -18.48
N MET C 26 -34.90 28.20 -18.80
CA MET C 26 -34.24 27.03 -19.36
C MET C 26 -33.37 27.37 -20.57
N ASP C 27 -33.78 28.38 -21.36
CA ASP C 27 -32.97 28.82 -22.50
C ASP C 27 -31.66 29.45 -22.05
N GLN C 28 -31.70 30.17 -20.93
CA GLN C 28 -30.51 30.83 -20.39
C GLN C 28 -29.61 29.85 -19.63
N VAL C 29 -30.24 28.83 -19.04
CA VAL C 29 -29.50 27.74 -18.44
C VAL C 29 -28.68 27.04 -19.54
N ALA C 30 -29.37 26.53 -20.56
CA ALA C 30 -28.71 25.88 -21.68
C ALA C 30 -27.51 26.67 -22.16
N GLU C 31 -27.66 27.99 -22.21
CA GLU C 31 -26.61 28.88 -22.69
C GLU C 31 -25.38 28.86 -21.78
N LYS C 32 -25.62 28.92 -20.47
CA LYS C 32 -24.54 28.94 -19.50
C LYS C 32 -23.77 27.61 -19.45
N VAL C 33 -24.47 26.50 -19.61
CA VAL C 33 -23.82 25.19 -19.69
C VAL C 33 -23.01 25.11 -20.98
N ALA C 34 -23.63 25.52 -22.09
CA ALA C 34 -23.01 25.45 -23.41
C ALA C 34 -21.69 26.21 -23.47
N TYR C 35 -21.60 27.31 -22.70
CA TYR C 35 -20.37 28.09 -22.63
C TYR C 35 -19.16 27.22 -22.27
N HIS C 36 -19.35 26.29 -21.35
CA HIS C 36 -18.25 25.45 -20.88
C HIS C 36 -18.05 24.19 -21.74
N CYS C 37 -18.78 24.08 -22.85
CA CYS C 37 -18.79 22.84 -23.65
C CYS C 37 -18.59 23.03 -25.15
N VAL C 38 -19.54 23.70 -25.80
CA VAL C 38 -19.49 23.93 -27.24
C VAL C 38 -18.21 24.68 -27.59
N ASN C 39 -17.58 24.29 -28.70
CA ASN C 39 -16.31 24.90 -29.11
C ASN C 39 -15.13 24.64 -28.17
N ARG C 40 -15.35 23.82 -27.14
CA ARG C 40 -14.26 23.39 -26.26
C ARG C 40 -14.01 21.90 -26.42
N ARG C 41 -15.07 21.09 -26.30
CA ARG C 41 -14.99 19.66 -26.48
C ARG C 41 -16.15 19.17 -27.35
N VAL C 42 -17.11 20.05 -27.60
CA VAL C 42 -18.32 19.71 -28.34
C VAL C 42 -18.48 20.60 -29.58
N ALA C 43 -18.70 19.98 -30.73
CA ALA C 43 -18.86 20.73 -31.99
C ALA C 43 -20.18 21.49 -32.04
N PRO C 44 -20.15 22.75 -32.54
CA PRO C 44 -21.36 23.54 -32.69
C PRO C 44 -22.34 22.92 -33.70
N ARG C 45 -23.63 23.12 -33.47
CA ARG C 45 -24.64 22.57 -34.37
C ARG C 45 -25.92 23.41 -34.38
N GLU C 46 -26.75 23.19 -35.38
CA GLU C 46 -28.05 23.85 -35.49
C GLU C 46 -29.06 23.13 -34.63
N GLY C 47 -30.05 23.85 -34.12
CA GLY C 47 -31.12 23.24 -33.35
C GLY C 47 -31.39 23.96 -32.04
N VAL C 48 -32.40 23.51 -31.32
CA VAL C 48 -32.80 24.17 -30.07
C VAL C 48 -32.29 23.42 -28.85
N MET C 49 -31.63 24.13 -27.94
CA MET C 49 -31.10 23.54 -26.72
C MET C 49 -32.17 23.42 -25.64
N ARG C 50 -32.35 22.21 -25.12
CA ARG C 50 -33.36 21.95 -24.11
C ARG C 50 -32.75 21.42 -22.81
N VAL C 51 -33.44 21.64 -21.70
CA VAL C 51 -32.95 21.22 -20.39
C VAL C 51 -33.89 20.17 -19.78
N ARG C 52 -33.32 19.18 -19.12
CA ARG C 52 -34.10 18.13 -18.48
C ARG C 52 -33.37 17.58 -17.26
N LYS C 53 -34.13 17.09 -16.28
CA LYS C 53 -33.54 16.37 -15.16
C LYS C 53 -32.73 15.21 -15.72
N HIS C 54 -31.63 14.88 -15.06
CA HIS C 54 -30.68 13.89 -15.57
C HIS C 54 -31.38 12.63 -16.05
N ARG C 55 -31.14 12.30 -17.32
CA ARG C 55 -31.69 11.09 -17.97
C ARG C 55 -33.23 11.00 -17.93
N SER C 56 -33.89 12.09 -17.56
CA SER C 56 -35.34 12.18 -17.62
C SER C 56 -35.78 12.19 -19.07
N THR C 57 -37.06 11.94 -19.32
CA THR C 57 -37.56 11.98 -20.69
C THR C 57 -38.39 13.24 -20.96
N GLU C 58 -39.02 13.77 -19.92
CA GLU C 58 -39.75 15.01 -20.05
C GLU C 58 -38.80 16.21 -20.01
N LEU C 59 -38.87 17.04 -21.04
CA LEU C 59 -38.06 18.26 -21.12
C LEU C 59 -38.71 19.39 -20.34
N PHE C 60 -37.89 20.34 -19.86
CA PHE C 60 -38.41 21.54 -19.21
C PHE C 60 -38.82 22.57 -20.27
N PRO C 61 -39.99 23.20 -20.09
CA PRO C 61 -40.42 24.26 -21.01
C PRO C 61 -39.38 25.36 -21.10
N ARG C 62 -39.07 25.78 -22.33
CA ARG C 62 -37.99 26.72 -22.60
C ARG C 62 -38.01 28.00 -21.78
N ASP C 63 -39.21 28.51 -21.48
CA ASP C 63 -39.33 29.79 -20.78
C ASP C 63 -39.41 29.62 -19.26
N MET C 64 -39.59 28.40 -18.79
CA MET C 64 -39.65 28.14 -17.36
C MET C 64 -38.34 28.56 -16.69
N THR C 65 -38.44 29.12 -15.49
CA THR C 65 -37.25 29.53 -14.75
C THR C 65 -36.80 28.41 -13.81
N ILE C 66 -35.65 28.60 -13.19
CA ILE C 66 -35.13 27.65 -12.20
C ILE C 66 -36.10 27.52 -11.03
N ALA C 67 -36.45 28.66 -10.45
CA ALA C 67 -37.36 28.71 -9.31
C ALA C 67 -38.67 27.98 -9.58
N GLU C 68 -39.16 28.02 -10.81
CA GLU C 68 -40.43 27.39 -11.17
C GLU C 68 -40.29 25.92 -11.54
N SER C 69 -39.06 25.44 -11.64
CA SER C 69 -38.79 24.09 -12.11
C SER C 69 -38.96 23.04 -11.01
N GLY C 70 -38.75 23.46 -9.76
CA GLY C 70 -38.76 22.54 -8.64
C GLY C 70 -37.39 21.91 -8.38
N LEU C 71 -36.44 22.20 -9.27
CA LEU C 71 -35.07 21.72 -9.13
C LEU C 71 -34.41 22.24 -7.86
N ASN C 72 -33.66 21.36 -7.20
CA ASN C 72 -32.90 21.74 -6.02
C ASN C 72 -31.44 22.02 -6.36
N PRO C 73 -30.75 22.75 -5.49
CA PRO C 73 -29.36 23.07 -5.78
C PRO C 73 -28.54 21.79 -5.79
N THR C 74 -27.56 21.72 -6.69
CA THR C 74 -26.64 20.58 -6.81
C THR C 74 -27.28 19.34 -7.42
N GLU C 75 -28.47 19.48 -7.99
CA GLU C 75 -29.04 18.37 -8.74
C GLU C 75 -28.42 18.31 -10.14
N VAL C 76 -28.56 17.18 -10.81
CA VAL C 76 -27.95 16.99 -12.13
C VAL C 76 -28.96 17.19 -13.25
N ILE C 77 -28.55 17.94 -14.28
CA ILE C 77 -29.38 18.18 -15.44
C ILE C 77 -28.62 17.83 -16.72
N ASP C 78 -29.36 17.45 -17.75
CA ASP C 78 -28.79 17.23 -19.07
C ASP C 78 -29.19 18.41 -19.96
N VAL C 79 -28.30 18.81 -20.87
CA VAL C 79 -28.66 19.77 -21.91
C VAL C 79 -28.58 19.06 -23.26
N VAL C 80 -29.73 18.90 -23.92
CA VAL C 80 -29.80 18.16 -25.17
C VAL C 80 -30.53 18.94 -26.27
N PHE C 81 -30.48 18.41 -27.49
CA PHE C 81 -31.08 19.06 -28.66
C PHE C 81 -32.41 18.45 -29.09
N GLU C 82 -33.38 19.31 -29.40
CA GLU C 82 -34.68 18.85 -29.88
C GLU C 82 -34.49 17.83 -30.99
N GLU C 83 -35.23 16.73 -30.92
CA GLU C 83 -35.17 15.70 -31.96
C GLU C 83 -36.49 15.56 -32.67
N THR D 1 -16.80 -12.90 -26.86
CA THR D 1 -16.38 -12.63 -25.45
C THR D 1 -14.91 -13.00 -25.19
N LEU D 2 -14.03 -12.02 -25.38
CA LEU D 2 -12.60 -12.16 -25.14
C LEU D 2 -12.31 -12.43 -23.66
N ALA D 3 -13.16 -11.91 -22.77
CA ALA D 3 -12.93 -12.01 -21.33
C ALA D 3 -13.12 -13.42 -20.76
N ASP D 4 -14.18 -14.11 -21.20
CA ASP D 4 -14.43 -15.49 -20.78
C ASP D 4 -13.23 -16.37 -21.14
N GLN D 5 -12.81 -16.31 -22.40
CA GLN D 5 -11.67 -17.09 -22.87
C GLN D 5 -10.40 -16.73 -22.09
N ALA D 6 -10.24 -15.44 -21.77
CA ALA D 6 -9.12 -14.98 -20.94
C ALA D 6 -9.21 -15.58 -19.52
N LEU D 7 -10.43 -15.64 -18.99
CA LEU D 7 -10.64 -16.20 -17.65
C LEU D 7 -10.50 -17.72 -17.63
N HIS D 8 -10.98 -18.39 -18.69
CA HIS D 8 -10.96 -19.86 -18.74
C HIS D 8 -9.61 -20.42 -19.16
N ASN D 9 -8.62 -20.23 -18.30
CA ASN D 9 -7.28 -20.76 -18.50
C ASN D 9 -6.87 -21.48 -17.23
N ASN D 10 -5.88 -22.36 -17.35
CA ASN D 10 -5.29 -22.99 -16.18
C ASN D 10 -3.78 -22.75 -16.15
N ASN D 11 -3.36 -21.61 -16.66
CA ASN D 11 -1.95 -21.29 -16.76
C ASN D 11 -1.35 -20.94 -15.39
N VAL D 12 -0.28 -21.62 -15.00
CA VAL D 12 0.44 -21.31 -13.79
C VAL D 12 1.93 -21.21 -14.10
N GLY D 13 2.65 -20.45 -13.29
CA GLY D 13 4.11 -20.35 -13.42
C GLY D 13 4.67 -19.00 -13.03
N PRO D 14 6.00 -18.90 -12.99
CA PRO D 14 6.65 -17.67 -12.48
C PRO D 14 6.65 -16.53 -13.50
N ILE D 15 6.56 -15.30 -12.99
CA ILE D 15 6.90 -14.13 -13.78
C ILE D 15 8.28 -13.69 -13.29
N ILE D 16 9.27 -13.80 -14.16
CA ILE D 16 10.65 -13.51 -13.80
C ILE D 16 11.05 -12.15 -14.38
N ARG D 17 11.54 -11.27 -13.51
CA ARG D 17 11.96 -9.95 -13.97
C ARG D 17 13.26 -10.05 -14.76
N ALA D 18 13.53 -9.04 -15.59
CA ALA D 18 14.73 -8.97 -16.41
C ALA D 18 16.00 -9.10 -15.56
N GLY D 19 16.90 -9.98 -16.02
CA GLY D 19 18.10 -10.29 -15.25
C GLY D 19 18.61 -11.68 -15.55
N ASP D 20 19.51 -12.16 -14.68
CA ASP D 20 20.24 -13.41 -14.92
C ASP D 20 19.44 -14.68 -14.65
N LEU D 21 18.22 -14.52 -14.15
CA LEU D 21 17.38 -15.69 -13.84
C LEU D 21 16.40 -16.09 -14.97
N VAL D 22 16.16 -15.19 -15.91
CA VAL D 22 15.22 -15.45 -16.99
C VAL D 22 15.50 -16.76 -17.73
N GLU D 23 16.64 -16.88 -18.39
CA GLU D 23 16.92 -18.04 -19.22
C GLU D 23 17.04 -19.32 -18.39
N PRO D 24 17.75 -19.25 -17.25
CA PRO D 24 17.84 -20.44 -16.40
C PRO D 24 16.46 -20.95 -15.95
N VAL D 25 15.52 -20.04 -15.72
CA VAL D 25 14.19 -20.46 -15.26
C VAL D 25 13.38 -21.10 -16.40
N ILE D 26 13.43 -20.48 -17.58
CA ILE D 26 12.81 -21.06 -18.76
C ILE D 26 13.35 -22.46 -18.99
N GLU D 27 14.66 -22.60 -19.03
CA GLU D 27 15.28 -23.89 -19.24
C GLU D 27 14.84 -24.86 -18.17
N THR D 28 14.82 -24.41 -16.92
CA THR D 28 14.45 -25.25 -15.80
C THR D 28 13.00 -25.71 -15.87
N ALA D 29 12.11 -24.80 -16.25
CA ALA D 29 10.70 -25.16 -16.46
C ALA D 29 10.58 -26.29 -17.49
N GLU D 30 11.36 -26.22 -18.56
CA GLU D 30 11.29 -27.24 -19.62
C GLU D 30 11.77 -28.59 -19.10
N ILE D 31 12.89 -28.58 -18.39
CA ILE D 31 13.51 -29.81 -17.88
C ILE D 31 12.69 -30.46 -16.77
N ASP D 32 12.26 -29.69 -15.78
CA ASP D 32 11.58 -30.24 -14.61
C ASP D 32 10.09 -30.55 -14.85
N ASN D 33 9.61 -30.25 -16.05
CA ASN D 33 8.21 -30.48 -16.40
C ASN D 33 8.10 -31.19 -17.75
N PRO D 34 8.63 -32.42 -17.83
CA PRO D 34 8.59 -33.20 -19.07
C PRO D 34 7.15 -33.47 -19.43
N GLY D 35 6.80 -33.36 -20.71
CA GLY D 35 5.42 -33.66 -21.12
C GLY D 35 4.46 -32.52 -20.86
N LYS D 36 4.98 -31.41 -20.36
CA LYS D 36 4.21 -30.16 -20.30
C LYS D 36 4.80 -29.23 -21.34
N GLU D 37 3.95 -28.58 -22.11
CA GLU D 37 4.42 -27.51 -22.98
C GLU D 37 4.63 -26.25 -22.15
N ILE D 38 5.83 -25.69 -22.23
CA ILE D 38 6.11 -24.43 -21.54
C ILE D 38 5.93 -23.25 -22.49
N THR D 39 5.10 -22.30 -22.10
CA THR D 39 4.90 -21.09 -22.90
C THR D 39 5.63 -19.93 -22.26
N VAL D 40 6.22 -19.09 -23.09
CA VAL D 40 6.98 -17.94 -22.62
C VAL D 40 6.50 -16.68 -23.33
N GLU D 41 6.11 -15.67 -22.57
CA GLU D 41 5.80 -14.35 -23.13
C GLU D 41 6.81 -13.33 -22.65
N ASP D 42 7.54 -12.73 -23.59
CA ASP D 42 8.64 -11.83 -23.28
C ASP D 42 8.19 -10.37 -23.30
N ARG D 43 8.23 -9.70 -22.16
CA ARG D 43 7.85 -8.30 -22.11
C ARG D 43 9.05 -7.40 -21.79
N ARG D 44 10.24 -7.94 -22.02
CA ARG D 44 11.52 -7.23 -21.86
C ARG D 44 11.88 -6.92 -20.41
N ALA D 45 10.98 -6.25 -19.69
CA ALA D 45 11.18 -5.98 -18.26
C ALA D 45 10.89 -7.23 -17.43
N TYR D 46 10.10 -8.13 -18.01
CA TYR D 46 9.76 -9.38 -17.33
C TYR D 46 9.36 -10.45 -18.34
N VAL D 47 9.46 -11.72 -17.92
CA VAL D 47 9.02 -12.83 -18.74
C VAL D 47 7.98 -13.69 -18.01
N ARG D 48 6.87 -13.95 -18.71
CA ARG D 48 5.78 -14.74 -18.17
C ARG D 48 5.92 -16.18 -18.66
N ILE D 49 6.21 -17.08 -17.72
CA ILE D 49 6.46 -18.47 -18.04
C ILE D 49 5.34 -19.31 -17.44
N ALA D 50 4.75 -20.18 -18.25
CA ALA D 50 3.58 -20.93 -17.81
C ALA D 50 3.49 -22.37 -18.34
N ALA D 51 2.77 -23.19 -17.58
CA ALA D 51 2.30 -24.49 -18.05
C ALA D 51 0.87 -24.66 -17.57
N GLU D 52 0.26 -25.75 -18.02
CA GLU D 52 -1.10 -26.09 -17.67
C GLU D 52 -1.16 -26.79 -16.31
N GLY D 53 -1.90 -26.20 -15.38
CA GLY D 53 -2.25 -26.86 -14.14
C GLY D 53 -1.18 -26.92 -13.06
N GLU D 54 0.05 -27.19 -13.46
CA GLU D 54 1.16 -27.29 -12.53
C GLU D 54 2.50 -27.01 -13.19
N LEU D 55 3.36 -26.30 -12.46
CA LEU D 55 4.72 -26.02 -12.94
C LEU D 55 5.67 -26.10 -11.75
N ILE D 56 6.68 -26.98 -11.88
CA ILE D 56 7.66 -27.17 -10.83
C ILE D 56 9.02 -26.57 -11.26
N LEU D 57 9.70 -25.98 -10.30
CA LEU D 57 11.10 -25.59 -10.48
C LEU D 57 11.90 -26.16 -9.31
N THR D 58 12.82 -27.07 -9.59
CA THR D 58 13.64 -27.64 -8.53
C THR D 58 14.91 -26.83 -8.34
N ARG D 59 15.34 -26.69 -7.10
CA ARG D 59 16.61 -26.05 -6.79
C ARG D 59 17.75 -26.68 -7.57
N LYS D 60 17.82 -28.01 -7.54
CA LYS D 60 18.91 -28.73 -8.23
C LYS D 60 19.00 -28.39 -9.72
N THR D 61 17.89 -28.47 -10.43
CA THR D 61 17.91 -28.13 -11.84
C THR D 61 18.29 -26.65 -12.05
N LEU D 62 17.66 -25.77 -11.28
CA LEU D 62 17.92 -24.34 -11.41
C LEU D 62 19.39 -24.01 -11.17
N GLU D 63 19.99 -24.60 -10.13
CA GLU D 63 21.42 -24.38 -9.90
C GLU D 63 22.23 -24.79 -11.13
N GLU D 64 21.85 -25.92 -11.71
CA GLU D 64 22.55 -26.44 -12.88
C GLU D 64 22.44 -25.48 -14.08
N GLN D 65 21.23 -24.97 -14.33
CA GLN D 65 21.00 -24.08 -15.47
C GLN D 65 21.58 -22.68 -15.23
N LEU D 66 21.58 -22.25 -13.98
CA LEU D 66 22.15 -20.95 -13.61
C LEU D 66 23.69 -21.00 -13.66
N GLY D 67 24.27 -22.12 -13.23
CA GLY D 67 25.72 -22.32 -13.38
C GLY D 67 26.53 -21.89 -12.16
N ARG D 68 25.85 -21.64 -11.05
CA ARG D 68 26.47 -21.19 -9.82
C ARG D 68 25.62 -21.69 -8.66
N PRO D 69 26.22 -21.81 -7.48
CA PRO D 69 25.46 -22.25 -6.32
C PRO D 69 24.20 -21.41 -6.13
N PHE D 70 23.11 -22.05 -5.71
CA PHE D 70 21.81 -21.41 -5.65
C PHE D 70 20.96 -22.05 -4.55
N ASN D 71 20.31 -21.20 -3.75
CA ASN D 71 19.38 -21.62 -2.72
C ASN D 71 17.99 -21.20 -3.16
N MET D 72 17.00 -22.06 -2.93
CA MET D 72 15.64 -21.80 -3.38
C MET D 72 15.11 -20.46 -2.91
N GLN D 73 15.39 -20.08 -1.67
CA GLN D 73 14.87 -18.82 -1.15
C GLN D 73 15.27 -17.62 -2.03
N GLU D 74 16.44 -17.71 -2.68
CA GLU D 74 16.98 -16.62 -3.52
C GLU D 74 16.15 -16.29 -4.75
N LEU D 75 15.28 -17.20 -5.16
CA LEU D 75 14.46 -16.95 -6.35
C LEU D 75 13.67 -15.64 -6.18
N GLU D 76 13.32 -15.33 -4.93
CA GLU D 76 12.58 -14.13 -4.57
C GLU D 76 13.23 -12.83 -5.08
N ILE D 77 14.56 -12.83 -5.17
CA ILE D 77 15.27 -11.71 -5.77
C ILE D 77 14.77 -11.39 -7.19
N ASN D 78 14.28 -12.41 -7.89
CA ASN D 78 13.91 -12.23 -9.30
C ASN D 78 12.48 -12.61 -9.65
N LEU D 79 11.76 -13.20 -8.71
CA LEU D 79 10.37 -13.62 -8.91
C LEU D 79 9.43 -12.44 -8.71
N ALA D 80 9.06 -11.78 -9.80
CA ALA D 80 8.34 -10.52 -9.69
C ALA D 80 6.86 -10.75 -9.45
N SER D 81 6.35 -11.87 -9.95
CA SER D 81 4.95 -12.26 -9.73
C SER D 81 4.81 -13.73 -10.10
N PHE D 82 3.59 -14.27 -10.03
CA PHE D 82 3.36 -15.67 -10.43
C PHE D 82 1.86 -15.96 -10.58
N ALA D 83 1.54 -16.88 -11.48
CA ALA D 83 0.17 -17.37 -11.65
C ALA D 83 0.09 -18.72 -10.97
N GLY D 84 -1.07 -18.97 -10.36
CA GLY D 84 -1.30 -20.17 -9.57
C GLY D 84 -1.00 -19.96 -8.11
N GLN D 85 -1.37 -20.94 -7.30
CA GLN D 85 -0.97 -20.96 -5.91
C GLN D 85 0.44 -21.52 -5.82
N ILE D 86 1.12 -21.22 -4.73
CA ILE D 86 2.52 -21.53 -4.62
C ILE D 86 2.78 -22.46 -3.45
N GLN D 87 3.66 -23.41 -3.66
CA GLN D 87 4.11 -24.28 -2.61
C GLN D 87 5.63 -24.38 -2.71
N ALA D 88 6.32 -23.85 -1.72
CA ALA D 88 7.77 -23.72 -1.78
C ALA D 88 8.43 -24.39 -0.60
N ASP D 89 9.57 -25.03 -0.86
CA ASP D 89 10.42 -25.58 0.20
C ASP D 89 11.88 -25.45 -0.21
N GLU D 90 12.78 -26.06 0.54
CA GLU D 90 14.20 -25.92 0.28
C GLU D 90 14.60 -26.61 -1.03
N ASP D 91 13.75 -27.49 -1.52
CA ASP D 91 14.10 -28.32 -2.68
C ASP D 91 13.48 -27.87 -4.00
N GLN D 92 12.35 -27.18 -3.92
CA GLN D 92 11.63 -26.78 -5.13
C GLN D 92 10.54 -25.77 -4.86
N ILE D 93 10.00 -25.21 -5.95
N ILE D 93 9.99 -25.22 -5.95
CA ILE D 93 8.80 -24.39 -5.86
CA ILE D 93 8.80 -24.39 -5.86
C ILE D 93 7.78 -24.92 -6.86
C ILE D 93 7.77 -24.91 -6.87
N ARG D 94 6.53 -25.02 -6.43
CA ARG D 94 5.46 -25.55 -7.27
C ARG D 94 4.36 -24.51 -7.44
N PHE D 95 3.99 -24.26 -8.69
CA PHE D 95 2.89 -23.37 -9.01
C PHE D 95 1.75 -24.26 -9.52
N TYR D 96 0.55 -24.08 -8.99
CA TYR D 96 -0.53 -25.02 -9.28
C TYR D 96 -1.91 -24.42 -8.99
N PHE D 97 -2.95 -25.00 -9.61
CA PHE D 97 -4.33 -24.64 -9.29
C PHE D 97 -5.02 -25.84 -8.62
N ASP D 98 -5.95 -25.55 -7.71
CA ASP D 98 -6.82 -26.58 -7.15
C ASP D 98 -7.89 -26.97 -8.16
N LYS D 99 -8.46 -25.97 -8.83
CA LYS D 99 -9.55 -26.20 -9.76
C LYS D 99 -9.09 -26.33 -11.21
N THR D 100 -9.97 -26.84 -12.05
CA THR D 100 -9.74 -26.91 -13.48
C THR D 100 -10.84 -26.16 -14.21
N MET D 101 -10.50 -24.99 -14.74
CA MET D 101 -11.42 -24.21 -15.55
C MET D 101 -11.31 -24.63 -17.01
FE FE E . 2.82 -4.18 -0.89
FE FE F . 4.84 -1.78 -1.56
C ACT G . 1.73 -1.27 -1.66
O ACT G . 2.97 -1.17 -1.53
OXT ACT G . 1.31 -2.43 -1.69
CH3 ACT G . 0.82 -0.07 -1.76
#